data_4WQ6
#
_entry.id   4WQ6
#
_cell.length_a   60.621
_cell.length_b   106.839
_cell.length_c   83.086
_cell.angle_alpha   90.00
_cell.angle_beta   96.64
_cell.angle_gamma   90.00
#
_symmetry.space_group_name_H-M   'P 1 21 1'
#
loop_
_entity.id
_entity.type
_entity.pdbx_description
1 polymer 'Nicotinamide phosphoribosyltransferase'
2 non-polymer N-(4-{(S)-[1-(2-methylpropyl)piperidin-4-yl]sulfinyl}benzyl)furo[2,3-c]pyridine-2-carboxamide
3 non-polymer 'PHOSPHATE ION'
4 non-polymer 1,2-ETHANEDIOL
5 water water
#
_entity_poly.entity_id   1
_entity_poly.type   'polypeptide(L)'
_entity_poly.pdbx_seq_one_letter_code
;MNPAAEAEFNILLATDSYKVTHYKQYPPNTSKVYSYFECREKKTENSKLRKVKYEETVFYGLQYILNKYLKGKVVTKEKI
QEAKDVYKEHFQDDVFNEKGWNYILEKYDGHLPIEIKAVPEGFVIPRGNVLFTVENTDPECYWLTNWIETILVQSWYPIT
VATNSREQKKILAKYLLETSGNLDGLEYKLHDFGYRGVSSQETAGIGASAHLVNFKGTDTVAGLALIKKYYGTKDPVPGY
SVPAAEHSTITAWGKDHEKDAFEHIVTQFSSVPVSVVSDSYDIYNACEKIWGEDLRHLIVSRSTQAPLIIRPDSGNPLDT
VLKVLEILGKKFPVTENSKGYKLLPPYLRVIQGDGVDINTLQEIVEGMKQKMWSIENIAFGSGGGLLQKLTRDLLNCSFK
CSYVVTNGLGINVFKDPVADPNKRSKKGRLSLHRTPAGNFVTLEEGKGDLEEYGQDLLHTVFKNGKVTKSYSFDEIRKNA
QLNIELEAAHHLEHHHHHHHH
;
_entity_poly.pdbx_strand_id   A,B
#
loop_
_chem_comp.id
_chem_comp.type
_chem_comp.name
_chem_comp.formula
3TQ non-polymer N-(4-{(S)-[1-(2-methylpropyl)piperidin-4-yl]sulfinyl}benzyl)furo[2,3-c]pyridine-2-carboxamide 'C24 H29 N3 O3 S'
EDO non-polymer 1,2-ETHANEDIOL 'C2 H6 O2'
PO4 non-polymer 'PHOSPHATE ION' 'O4 P -3'
#
# COMPACT_ATOMS: atom_id res chain seq x y z
N GLU A 8 -8.35 15.22 13.58
CA GLU A 8 -8.59 15.66 12.21
C GLU A 8 -7.33 15.62 11.36
N PHE A 9 -7.52 15.60 10.05
CA PHE A 9 -6.43 15.68 9.08
C PHE A 9 -5.91 17.12 9.06
N ASN A 10 -4.60 17.29 8.99
CA ASN A 10 -4.01 18.63 8.98
C ASN A 10 -3.05 18.74 7.81
N ILE A 11 -3.41 19.53 6.80
CA ILE A 11 -2.61 19.62 5.59
C ILE A 11 -1.20 20.18 5.87
N LEU A 12 -1.04 20.90 6.97
CA LEU A 12 0.27 21.44 7.33
C LEU A 12 1.21 20.35 7.81
N LEU A 13 0.64 19.19 8.11
CA LEU A 13 1.42 18.04 8.56
C LEU A 13 1.36 16.91 7.53
N ALA A 14 0.88 17.20 6.33
CA ALA A 14 0.70 16.14 5.33
C ALA A 14 1.68 16.31 4.16
N THR A 15 2.92 16.63 4.48
CA THR A 15 3.95 16.78 3.46
C THR A 15 5.22 16.07 3.94
N ASP A 16 6.16 15.80 3.03
CA ASP A 16 7.50 15.35 3.44
C ASP A 16 8.12 16.43 4.31
N SER A 17 8.70 16.03 5.44
CA SER A 17 9.27 16.99 6.37
C SER A 17 10.15 18.06 5.71
N TYR A 18 11.03 17.67 4.79
CA TYR A 18 11.97 18.67 4.28
C TYR A 18 11.29 19.81 3.52
N LYS A 19 10.08 19.59 3.01
CA LYS A 19 9.39 20.65 2.28
C LYS A 19 9.03 21.84 3.18
N VAL A 20 8.97 21.60 4.48
CA VAL A 20 8.76 22.66 5.46
C VAL A 20 9.84 23.74 5.34
N THR A 21 11.00 23.37 4.84
CA THR A 21 12.13 24.28 4.79
C THR A 21 12.35 24.93 3.42
N HIS A 22 11.55 24.54 2.42
CA HIS A 22 11.83 24.98 1.06
C HIS A 22 11.50 26.43 0.77
N TYR A 23 10.60 27.04 1.54
CA TYR A 23 10.25 28.43 1.30
C TYR A 23 11.46 29.35 1.42
N LYS A 24 12.48 28.93 2.17
CA LYS A 24 13.70 29.75 2.35
C LYS A 24 14.73 29.51 1.26
N GLN A 25 14.43 28.58 0.35
CA GLN A 25 15.45 28.09 -0.58
C GLN A 25 15.26 28.51 -2.04
N TYR A 26 14.04 28.85 -2.40
CA TYR A 26 13.75 29.32 -3.76
C TYR A 26 14.47 30.64 -3.99
N PRO A 27 14.67 31.01 -5.28
CA PRO A 27 15.31 32.31 -5.53
C PRO A 27 14.52 33.46 -4.90
N PRO A 28 15.21 34.44 -4.31
CA PRO A 28 14.48 35.63 -3.87
C PRO A 28 13.64 36.23 -5.01
N ASN A 29 12.50 36.83 -4.68
CA ASN A 29 11.63 37.46 -5.67
C ASN A 29 10.92 36.48 -6.58
N THR A 30 10.73 35.27 -6.11
CA THR A 30 9.97 34.26 -6.86
C THR A 30 8.48 34.39 -6.54
N SER A 31 7.68 34.59 -7.58
CA SER A 31 6.25 34.86 -7.41
C SER A 31 5.37 33.73 -7.94
N LYS A 32 5.97 32.85 -8.72
CA LYS A 32 5.23 31.75 -9.35
C LYS A 32 6.06 30.49 -9.38
N VAL A 33 5.48 29.38 -8.91
CA VAL A 33 6.07 28.07 -9.08
C VAL A 33 5.00 27.21 -9.73
N TYR A 34 5.35 26.64 -10.88
CA TYR A 34 4.43 25.86 -11.70
C TYR A 34 5.02 24.48 -11.89
N SER A 35 4.23 23.47 -11.54
CA SER A 35 4.69 22.09 -11.55
C SER A 35 3.71 21.16 -12.28
N TYR A 36 4.19 20.00 -12.69
CA TYR A 36 3.35 19.07 -13.43
C TYR A 36 3.61 17.63 -13.01
N PHE A 37 2.63 16.78 -13.32
CA PHE A 37 2.67 15.35 -13.05
C PHE A 37 2.64 14.58 -14.35
N GLU A 38 3.52 13.59 -14.50
CA GLU A 38 3.47 12.69 -15.67
C GLU A 38 3.80 11.29 -15.21
N CYS A 39 3.45 10.30 -16.04
CA CYS A 39 3.99 8.94 -15.89
C CYS A 39 5.12 8.83 -16.89
N ARG A 40 6.32 9.11 -16.41
CA ARG A 40 7.49 9.31 -17.25
C ARG A 40 7.80 8.10 -18.12
N GLU A 41 8.18 8.36 -19.36
CA GLU A 41 8.52 7.31 -20.29
C GLU A 41 9.92 6.79 -19.96
N LYS A 42 10.27 5.63 -20.50
CA LYS A 42 11.62 5.09 -20.37
C LYS A 42 12.45 5.39 -21.63
N LYS A 53 5.88 -2.20 -22.47
CA LYS A 53 5.10 -2.52 -21.29
C LYS A 53 4.48 -1.29 -20.66
N TYR A 54 3.18 -1.35 -20.43
CA TYR A 54 2.41 -0.24 -19.88
C TYR A 54 2.64 1.04 -20.67
N GLU A 55 2.26 1.03 -21.95
CA GLU A 55 2.53 2.19 -22.80
C GLU A 55 1.53 3.31 -22.60
N GLU A 56 0.39 3.00 -21.99
CA GLU A 56 -0.62 4.02 -21.74
C GLU A 56 -1.21 3.84 -20.36
N THR A 57 -1.65 4.95 -19.75
CA THR A 57 -2.13 4.92 -18.38
C THR A 57 -3.54 5.49 -18.29
N VAL A 58 -4.31 4.96 -17.35
CA VAL A 58 -5.63 5.47 -17.03
C VAL A 58 -5.52 6.54 -15.96
N PHE A 59 -5.96 7.75 -16.27
CA PHE A 59 -5.89 8.81 -15.30
C PHE A 59 -7.11 8.75 -14.39
N TYR A 60 -6.90 8.36 -13.14
CA TYR A 60 -8.01 8.21 -12.20
C TYR A 60 -7.52 8.45 -10.77
N GLY A 61 -8.30 9.17 -9.98
CA GLY A 61 -8.05 9.26 -8.54
C GLY A 61 -7.90 10.68 -8.01
N LEU A 62 -7.63 11.63 -8.88
CA LEU A 62 -7.33 12.98 -8.42
C LEU A 62 -8.54 13.60 -7.72
N GLN A 63 -9.73 13.34 -8.25
CA GLN A 63 -10.98 13.89 -7.71
C GLN A 63 -11.19 13.52 -6.24
N TYR A 64 -10.87 12.28 -5.90
CA TYR A 64 -10.85 11.84 -4.50
C TYR A 64 -9.96 12.72 -3.65
N ILE A 65 -8.72 12.90 -4.08
CA ILE A 65 -7.77 13.67 -3.29
C ILE A 65 -8.23 15.11 -3.17
N LEU A 66 -8.69 15.72 -4.26
CA LEU A 66 -9.14 17.12 -4.24
C LEU A 66 -10.24 17.34 -3.21
N ASN A 67 -11.21 16.44 -3.20
CA ASN A 67 -12.35 16.59 -2.31
C ASN A 67 -12.06 16.24 -0.86
N LYS A 68 -11.32 15.15 -0.66
CA LYS A 68 -11.06 14.70 0.69
C LYS A 68 -10.05 15.57 1.43
N TYR A 69 -9.07 16.11 0.72
CA TYR A 69 -7.93 16.72 1.41
C TYR A 69 -7.65 18.18 1.09
N LEU A 70 -7.98 18.62 -0.12
CA LEU A 70 -7.52 19.96 -0.54
C LEU A 70 -8.60 21.03 -0.56
N LYS A 71 -9.87 20.67 -0.68
CA LYS A 71 -10.89 21.69 -0.88
C LYS A 71 -11.39 22.30 0.43
N GLY A 72 -11.91 23.52 0.33
CA GLY A 72 -12.52 24.19 1.47
C GLY A 72 -11.52 24.82 2.42
N LYS A 73 -11.96 25.05 3.64
CA LYS A 73 -11.11 25.67 4.65
C LYS A 73 -10.21 24.61 5.26
N VAL A 74 -8.97 24.52 4.77
CA VAL A 74 -8.07 23.49 5.23
C VAL A 74 -7.02 24.03 6.20
N VAL A 75 -7.02 25.34 6.38
CA VAL A 75 -6.14 26.01 7.34
C VAL A 75 -6.98 26.64 8.44
N THR A 76 -6.58 26.40 9.70
CA THR A 76 -7.20 27.05 10.85
C THR A 76 -6.11 27.49 11.83
N LYS A 77 -6.44 28.41 12.72
CA LYS A 77 -5.49 28.84 13.75
C LYS A 77 -4.92 27.65 14.52
N GLU A 78 -5.77 26.67 14.84
CA GLU A 78 -5.36 25.53 15.65
C GLU A 78 -4.43 24.61 14.88
N LYS A 79 -4.67 24.45 13.58
CA LYS A 79 -3.79 23.62 12.77
C LYS A 79 -2.42 24.25 12.59
N ILE A 80 -2.39 25.58 12.50
CA ILE A 80 -1.11 26.26 12.39
C ILE A 80 -0.32 26.07 13.70
N GLN A 81 -0.98 26.25 14.84
CA GLN A 81 -0.31 26.08 16.12
C GLN A 81 0.17 24.65 16.30
N GLU A 82 -0.65 23.67 15.91
CA GLU A 82 -0.29 22.27 16.02
C GLU A 82 0.96 22.00 15.18
N ALA A 83 0.97 22.48 13.94
CA ALA A 83 2.13 22.28 13.07
C ALA A 83 3.38 22.94 13.64
N LYS A 84 3.22 24.17 14.13
CA LYS A 84 4.34 24.90 14.72
C LYS A 84 4.95 24.08 15.86
N ASP A 85 4.10 23.50 16.70
CA ASP A 85 4.56 22.71 17.85
C ASP A 85 5.29 21.43 17.44
N VAL A 86 4.72 20.70 16.48
CA VAL A 86 5.32 19.46 16.01
C VAL A 86 6.66 19.72 15.33
N TYR A 87 6.71 20.67 14.42
CA TYR A 87 7.96 20.89 13.69
C TYR A 87 9.08 21.43 14.59
N LYS A 88 8.73 22.20 15.63
CA LYS A 88 9.72 22.63 16.60
C LYS A 88 10.50 21.45 17.18
N GLU A 89 9.79 20.38 17.50
CA GLU A 89 10.41 19.22 18.09
C GLU A 89 11.04 18.31 17.02
N HIS A 90 10.34 18.15 15.90
CA HIS A 90 10.79 17.28 14.80
C HIS A 90 12.14 17.71 14.23
N PHE A 91 12.34 19.03 14.11
CA PHE A 91 13.56 19.60 13.57
C PHE A 91 14.53 20.07 14.66
N GLN A 92 14.03 20.11 15.89
CA GLN A 92 14.79 20.66 17.03
C GLN A 92 15.25 22.07 16.69
N ASP A 93 14.37 22.83 16.05
CA ASP A 93 14.68 24.14 15.49
C ASP A 93 13.38 24.81 15.07
N ASP A 94 13.39 26.13 14.95
CA ASP A 94 12.26 26.89 14.43
C ASP A 94 12.45 27.19 12.95
N VAL A 95 11.90 26.37 12.07
CA VAL A 95 12.07 26.60 10.64
C VAL A 95 10.73 26.76 9.91
N PHE A 96 9.65 26.35 10.57
CA PHE A 96 8.29 26.47 10.03
C PHE A 96 7.81 27.87 9.54
N ASN A 97 7.25 27.92 8.32
CA ASN A 97 6.73 29.17 7.73
C ASN A 97 5.34 29.53 8.28
N GLU A 98 5.29 29.92 9.55
CA GLU A 98 4.03 30.32 10.16
C GLU A 98 3.39 31.50 9.42
N LYS A 99 4.22 32.46 9.04
CA LYS A 99 3.75 33.67 8.39
C LYS A 99 3.00 33.35 7.09
N GLY A 100 3.55 32.44 6.30
CA GLY A 100 2.95 32.06 5.04
C GLY A 100 1.59 31.38 5.21
N TRP A 101 1.46 30.54 6.23
CA TRP A 101 0.22 29.83 6.47
C TRP A 101 -0.82 30.77 7.10
N ASN A 102 -0.37 31.69 7.94
CA ASN A 102 -1.30 32.68 8.49
C ASN A 102 -1.88 33.59 7.42
N TYR A 103 -1.08 33.90 6.41
CA TYR A 103 -1.52 34.70 5.27
C TYR A 103 -2.69 34.04 4.56
N ILE A 104 -2.55 32.75 4.29
CA ILE A 104 -3.61 31.98 3.65
C ILE A 104 -4.89 31.99 4.50
N LEU A 105 -4.73 31.84 5.81
CA LEU A 105 -5.86 31.85 6.74
C LEU A 105 -6.60 33.19 6.74
N GLU A 106 -5.86 34.29 6.79
CA GLU A 106 -6.47 35.61 6.88
C GLU A 106 -7.03 36.11 5.56
N LYS A 107 -6.31 35.87 4.47
CA LYS A 107 -6.66 36.44 3.18
C LYS A 107 -7.69 35.61 2.45
N TYR A 108 -7.60 34.30 2.59
CA TYR A 108 -8.43 33.38 1.80
C TYR A 108 -9.34 32.52 2.66
N ASP A 109 -9.52 32.91 3.91
CA ASP A 109 -10.29 32.13 4.89
C ASP A 109 -9.84 30.66 4.89
N GLY A 110 -8.53 30.46 4.79
CA GLY A 110 -7.96 29.13 4.90
C GLY A 110 -8.09 28.25 3.66
N HIS A 111 -8.54 28.82 2.55
CA HIS A 111 -8.60 28.11 1.27
C HIS A 111 -7.28 28.21 0.51
N LEU A 112 -6.88 27.14 -0.18
CA LEU A 112 -5.59 27.13 -0.87
C LEU A 112 -5.62 27.91 -2.17
N PRO A 113 -4.77 28.95 -2.27
CA PRO A 113 -4.63 29.74 -3.50
C PRO A 113 -3.76 28.99 -4.52
N ILE A 114 -4.39 27.99 -5.12
CA ILE A 114 -3.76 27.02 -6.01
C ILE A 114 -4.71 26.79 -7.17
N GLU A 115 -4.17 26.61 -8.37
CA GLU A 115 -4.98 26.18 -9.51
C GLU A 115 -4.40 24.89 -10.08
N ILE A 116 -5.28 23.92 -10.27
CA ILE A 116 -4.89 22.62 -10.80
C ILE A 116 -5.68 22.36 -12.06
N LYS A 117 -4.96 21.99 -13.13
CA LYS A 117 -5.59 21.66 -14.40
C LYS A 117 -5.29 20.20 -14.68
N ALA A 118 -6.29 19.44 -15.12
CA ALA A 118 -6.07 18.01 -15.33
C ALA A 118 -6.80 17.48 -16.55
N VAL A 119 -6.26 16.42 -17.12
CA VAL A 119 -6.92 15.67 -18.18
C VAL A 119 -8.15 14.99 -17.55
N PRO A 120 -9.24 14.80 -18.31
CA PRO A 120 -10.43 14.18 -17.71
C PRO A 120 -10.20 12.78 -17.13
N GLU A 121 -10.80 12.50 -15.98
CA GLU A 121 -10.61 11.20 -15.34
C GLU A 121 -11.18 10.10 -16.22
N GLY A 122 -10.45 8.99 -16.28
CA GLY A 122 -10.80 7.88 -17.14
C GLY A 122 -10.01 7.92 -18.44
N PHE A 123 -9.48 9.09 -18.81
CA PHE A 123 -8.73 9.20 -20.06
C PHE A 123 -7.53 8.27 -20.03
N VAL A 124 -7.30 7.67 -21.18
CA VAL A 124 -6.20 6.75 -21.40
C VAL A 124 -5.14 7.44 -22.24
N ILE A 125 -3.99 7.71 -21.61
CA ILE A 125 -2.97 8.62 -22.17
C ILE A 125 -1.63 7.92 -22.26
N PRO A 126 -0.95 8.02 -23.41
CA PRO A 126 0.39 7.42 -23.52
C PRO A 126 1.36 7.97 -22.48
N ARG A 127 2.34 7.14 -22.11
CA ARG A 127 3.36 7.55 -21.15
C ARG A 127 4.10 8.80 -21.61
N GLY A 128 4.51 9.63 -20.66
CA GLY A 128 5.35 10.76 -20.97
C GLY A 128 4.59 12.02 -21.36
N ASN A 129 3.31 12.06 -21.02
CA ASN A 129 2.47 13.22 -21.27
C ASN A 129 2.05 13.90 -19.97
N VAL A 130 1.89 15.22 -19.99
CA VAL A 130 1.37 15.89 -18.79
C VAL A 130 -0.05 15.42 -18.48
N LEU A 131 -0.28 15.06 -17.22
CA LEU A 131 -1.60 14.61 -16.78
C LEU A 131 -2.29 15.68 -15.93
N PHE A 132 -1.52 16.37 -15.10
CA PHE A 132 -2.05 17.57 -14.47
C PHE A 132 -0.94 18.55 -14.11
N THR A 133 -1.35 19.79 -13.93
CA THR A 133 -0.41 20.87 -13.54
C THR A 133 -0.93 21.59 -12.31
N VAL A 134 -0.01 22.22 -11.58
CA VAL A 134 -0.31 22.88 -10.32
C VAL A 134 0.45 24.19 -10.31
N GLU A 135 -0.22 25.26 -9.92
CA GLU A 135 0.43 26.57 -9.80
C GLU A 135 -0.24 27.41 -8.72
N ASN A 136 0.52 28.30 -8.10
CA ASN A 136 -0.08 29.19 -7.09
C ASN A 136 -0.79 30.33 -7.80
N THR A 137 -1.83 30.86 -7.17
CA THR A 137 -2.59 31.95 -7.78
C THR A 137 -2.30 33.27 -7.08
N ASP A 138 -1.51 33.20 -6.02
CA ASP A 138 -1.10 34.40 -5.27
C ASP A 138 0.41 34.38 -5.14
N PRO A 139 1.07 35.50 -5.50
CA PRO A 139 2.54 35.54 -5.46
C PRO A 139 3.14 35.21 -4.09
N GLU A 140 2.42 35.52 -3.00
CA GLU A 140 2.94 35.22 -1.68
C GLU A 140 3.03 33.72 -1.42
N CYS A 141 2.32 32.94 -2.21
CA CYS A 141 2.24 31.49 -1.97
C CYS A 141 2.98 30.65 -3.00
N TYR A 142 4.09 31.19 -3.51
CA TYR A 142 5.01 30.47 -4.40
C TYR A 142 5.42 29.12 -3.83
N TRP A 143 5.49 29.03 -2.50
CA TRP A 143 6.00 27.86 -1.79
C TRP A 143 4.95 26.73 -1.70
N LEU A 144 3.71 27.08 -2.01
CA LEU A 144 2.59 26.18 -1.76
C LEU A 144 2.44 25.11 -2.84
N THR A 145 2.81 25.45 -4.07
CA THR A 145 2.75 24.51 -5.19
C THR A 145 3.40 23.18 -4.85
N ASN A 146 4.62 23.23 -4.35
CA ASN A 146 5.31 21.98 -4.10
C ASN A 146 5.11 21.45 -2.70
N TRP A 147 4.56 22.27 -1.79
CA TRP A 147 4.11 21.76 -0.50
C TRP A 147 3.20 20.56 -0.70
N ILE A 148 2.27 20.70 -1.64
CA ILE A 148 1.26 19.66 -1.83
C ILE A 148 1.70 18.60 -2.84
N GLU A 149 2.98 18.59 -3.21
CA GLU A 149 3.48 17.51 -4.08
C GLU A 149 3.18 16.14 -3.47
N THR A 150 3.49 15.99 -2.19
CA THR A 150 3.43 14.69 -1.55
C THR A 150 2.03 14.09 -1.62
N ILE A 151 1.03 14.91 -1.31
CA ILE A 151 -0.33 14.44 -1.29
C ILE A 151 -0.83 14.17 -2.74
N LEU A 152 -0.45 15.02 -3.69
CA LEU A 152 -0.91 14.82 -5.07
C LEU A 152 -0.23 13.65 -5.73
N VAL A 153 1.02 13.38 -5.38
CA VAL A 153 1.78 12.31 -6.04
C VAL A 153 1.19 10.93 -5.68
N GLN A 154 0.46 10.87 -4.57
CA GLN A 154 -0.18 9.61 -4.17
C GLN A 154 -1.27 9.19 -5.17
N SER A 155 -1.62 10.08 -6.09
CA SER A 155 -2.47 9.70 -7.22
C SER A 155 -1.80 8.61 -8.06
N TRP A 156 -0.50 8.38 -7.88
CA TRP A 156 0.17 7.28 -8.59
C TRP A 156 -0.58 5.98 -8.36
N TYR A 157 -1.13 5.82 -7.16
CA TYR A 157 -1.67 4.53 -6.76
C TYR A 157 -2.96 4.21 -7.54
N PRO A 158 -4.00 5.07 -7.46
CA PRO A 158 -5.17 4.68 -8.26
C PRO A 158 -4.89 4.68 -9.76
N ILE A 159 -3.99 5.54 -10.24
CA ILE A 159 -3.64 5.47 -11.66
C ILE A 159 -3.05 4.11 -11.99
N THR A 160 -2.15 3.63 -11.14
CA THR A 160 -1.44 2.39 -11.44
C THR A 160 -2.35 1.17 -11.28
N VAL A 161 -3.20 1.15 -10.26
CA VAL A 161 -4.17 0.06 -10.11
C VAL A 161 -5.09 0.02 -11.33
N ALA A 162 -5.64 1.18 -11.69
CA ALA A 162 -6.55 1.25 -12.84
C ALA A 162 -5.88 0.81 -14.14
N THR A 163 -4.62 1.22 -14.33
CA THR A 163 -3.88 0.86 -15.53
C THR A 163 -3.57 -0.63 -15.59
N ASN A 164 -3.04 -1.17 -14.49
CA ASN A 164 -2.70 -2.59 -14.45
C ASN A 164 -3.95 -3.48 -14.58
N SER A 165 -5.05 -3.03 -13.99
CA SER A 165 -6.32 -3.74 -14.10
C SER A 165 -6.80 -3.71 -15.56
N ARG A 166 -6.64 -2.57 -16.23
CA ARG A 166 -7.07 -2.44 -17.61
C ARG A 166 -6.23 -3.33 -18.52
N GLU A 167 -4.93 -3.42 -18.23
CA GLU A 167 -4.05 -4.26 -19.02
C GLU A 167 -4.45 -5.74 -18.89
N GLN A 168 -4.88 -6.15 -17.70
CA GLN A 168 -5.39 -7.52 -17.55
C GLN A 168 -6.71 -7.71 -18.30
N LYS A 169 -7.54 -6.67 -18.35
CA LYS A 169 -8.76 -6.75 -19.14
C LYS A 169 -8.46 -6.98 -20.62
N LYS A 170 -7.39 -6.37 -21.13
CA LYS A 170 -7.01 -6.57 -22.54
C LYS A 170 -6.60 -8.00 -22.82
N ILE A 171 -5.86 -8.59 -21.88
CA ILE A 171 -5.47 -10.00 -21.98
C ILE A 171 -6.70 -10.90 -21.99
N LEU A 172 -7.61 -10.69 -21.05
CA LEU A 172 -8.81 -11.50 -20.96
C LEU A 172 -9.66 -11.31 -22.20
N ALA A 173 -9.73 -10.08 -22.69
CA ALA A 173 -10.56 -9.77 -23.85
C ALA A 173 -10.07 -10.52 -25.07
N LYS A 174 -8.76 -10.50 -25.28
CA LYS A 174 -8.14 -11.14 -26.43
C LYS A 174 -8.40 -12.65 -26.44
N TYR A 175 -8.21 -13.28 -25.30
CA TYR A 175 -8.36 -14.73 -25.19
C TYR A 175 -9.83 -15.16 -25.13
N LEU A 176 -10.68 -14.35 -24.54
CA LEU A 176 -12.10 -14.64 -24.56
C LEU A 176 -12.64 -14.55 -25.98
N LEU A 177 -12.21 -13.53 -26.71
CA LEU A 177 -12.67 -13.36 -28.09
C LEU A 177 -12.19 -14.53 -28.93
N GLU A 178 -10.93 -14.91 -28.76
CA GLU A 178 -10.35 -16.01 -29.52
C GLU A 178 -11.03 -17.35 -29.25
N THR A 179 -11.29 -17.64 -27.98
CA THR A 179 -11.84 -18.96 -27.64
C THR A 179 -13.36 -19.03 -27.64
N SER A 180 -14.06 -17.90 -27.66
CA SER A 180 -15.53 -17.92 -27.58
C SER A 180 -16.24 -17.13 -28.69
N GLY A 181 -15.53 -16.20 -29.31
CA GLY A 181 -16.11 -15.40 -30.37
C GLY A 181 -16.88 -14.17 -29.90
N ASN A 182 -16.89 -13.91 -28.60
CA ASN A 182 -17.51 -12.70 -28.08
C ASN A 182 -16.91 -12.29 -26.74
N LEU A 183 -17.40 -11.18 -26.18
CA LEU A 183 -16.83 -10.68 -24.92
C LEU A 183 -17.83 -10.77 -23.76
N ASP A 184 -18.81 -11.66 -23.88
CA ASP A 184 -19.81 -11.83 -22.83
C ASP A 184 -19.15 -12.21 -21.50
N GLY A 185 -19.51 -11.50 -20.44
CA GLY A 185 -19.02 -11.80 -19.11
C GLY A 185 -17.67 -11.19 -18.78
N LEU A 186 -17.07 -10.47 -19.74
CA LEU A 186 -15.71 -9.95 -19.58
C LEU A 186 -15.57 -9.09 -18.31
N GLU A 187 -16.58 -8.26 -18.04
CA GLU A 187 -16.50 -7.32 -16.92
C GLU A 187 -16.58 -8.02 -15.55
N TYR A 188 -16.84 -9.32 -15.56
CA TYR A 188 -16.89 -10.07 -14.30
C TYR A 188 -15.77 -11.09 -14.18
N LYS A 189 -14.82 -11.08 -15.12
CA LYS A 189 -13.82 -12.14 -15.17
C LYS A 189 -12.58 -11.91 -14.31
N LEU A 190 -12.38 -10.69 -13.81
CA LEU A 190 -11.32 -10.44 -12.85
C LEU A 190 -11.94 -9.78 -11.62
N HIS A 191 -11.99 -10.53 -10.53
CA HIS A 191 -12.68 -10.12 -9.31
C HIS A 191 -11.66 -9.68 -8.25
N ASP A 192 -11.96 -8.57 -7.58
CA ASP A 192 -11.11 -8.03 -6.50
C ASP A 192 -11.22 -8.86 -5.22
N PHE A 193 -10.11 -9.51 -4.87
CA PHE A 193 -9.98 -10.30 -3.63
C PHE A 193 -9.03 -9.60 -2.62
N GLY A 194 -8.69 -8.35 -2.88
CA GLY A 194 -7.54 -7.73 -2.22
C GLY A 194 -7.68 -7.05 -0.87
N TYR A 195 -8.87 -7.09 -0.28
CA TYR A 195 -9.14 -6.29 0.92
C TYR A 195 -8.11 -6.60 2.04
N ARG A 196 -7.90 -7.88 2.35
CA ARG A 196 -7.02 -8.26 3.46
C ARG A 196 -5.54 -8.04 3.12
N GLY A 197 -5.25 -7.95 1.82
CA GLY A 197 -3.88 -7.97 1.34
C GLY A 197 -3.29 -6.60 1.07
N VAL A 198 -4.06 -5.53 1.34
CA VAL A 198 -3.51 -4.18 1.15
C VAL A 198 -3.10 -3.62 2.50
N SER A 199 -2.50 -2.44 2.47
CA SER A 199 -1.84 -1.90 3.64
C SER A 199 -2.73 -1.15 4.61
N SER A 200 -3.90 -0.73 4.16
CA SER A 200 -4.80 0.01 5.05
C SER A 200 -6.23 0.01 4.54
N GLN A 201 -7.14 0.44 5.42
CA GLN A 201 -8.52 0.61 5.04
C GLN A 201 -8.65 1.65 3.95
N GLU A 202 -7.89 2.74 4.05
CA GLU A 202 -8.03 3.79 3.05
C GLU A 202 -7.56 3.28 1.69
N THR A 203 -6.42 2.59 1.71
CA THR A 203 -5.88 2.02 0.49
C THR A 203 -6.87 1.04 -0.15
N ALA A 204 -7.51 0.22 0.68
CA ALA A 204 -8.52 -0.72 0.19
C ALA A 204 -9.56 0.00 -0.68
N GLY A 205 -10.10 1.10 -0.14
CA GLY A 205 -11.13 1.85 -0.84
C GLY A 205 -10.66 2.44 -2.15
N ILE A 206 -9.50 3.09 -2.11
CA ILE A 206 -8.95 3.71 -3.31
C ILE A 206 -8.65 2.66 -4.39
N GLY A 207 -7.93 1.61 -4.00
CA GLY A 207 -7.53 0.56 -4.92
C GLY A 207 -8.74 -0.17 -5.48
N ALA A 208 -9.71 -0.50 -4.62
CA ALA A 208 -10.88 -1.21 -5.12
C ALA A 208 -11.64 -0.35 -6.14
N SER A 209 -11.70 0.97 -5.90
CA SER A 209 -12.46 1.83 -6.81
C SER A 209 -11.74 1.93 -8.16
N ALA A 210 -10.41 1.90 -8.15
CA ALA A 210 -9.63 1.93 -9.38
C ALA A 210 -9.85 0.67 -10.22
N HIS A 211 -9.95 -0.49 -9.56
CA HIS A 211 -10.25 -1.73 -10.29
C HIS A 211 -11.64 -1.66 -10.94
N LEU A 212 -12.59 -1.03 -10.24
CA LEU A 212 -13.96 -0.94 -10.74
C LEU A 212 -14.10 0.00 -11.94
N VAL A 213 -13.04 0.74 -12.27
CA VAL A 213 -13.03 1.49 -13.52
C VAL A 213 -13.14 0.53 -14.72
N ASN A 214 -12.62 -0.69 -14.54
CA ASN A 214 -12.53 -1.68 -15.62
C ASN A 214 -13.47 -2.86 -15.49
N PHE A 215 -13.79 -3.21 -14.25
CA PHE A 215 -14.55 -4.42 -13.99
C PHE A 215 -15.73 -4.13 -13.07
N LYS A 216 -16.61 -5.10 -12.89
CA LYS A 216 -17.78 -4.89 -12.04
C LYS A 216 -17.84 -5.89 -10.87
N GLY A 217 -16.79 -6.71 -10.72
CA GLY A 217 -16.73 -7.68 -9.65
C GLY A 217 -15.75 -7.30 -8.56
N THR A 218 -16.24 -7.19 -7.34
CA THR A 218 -15.37 -6.90 -6.20
C THR A 218 -15.92 -7.48 -4.90
N ASP A 219 -14.99 -7.90 -4.03
CA ASP A 219 -15.33 -8.23 -2.65
C ASP A 219 -14.77 -7.19 -1.71
N THR A 220 -14.09 -6.19 -2.26
CA THR A 220 -13.53 -5.14 -1.42
C THR A 220 -14.58 -4.05 -1.26
N VAL A 221 -15.42 -4.22 -0.26
CA VAL A 221 -16.60 -3.39 -0.06
C VAL A 221 -16.26 -1.90 0.07
N ALA A 222 -15.09 -1.62 0.64
CA ALA A 222 -14.64 -0.24 0.83
C ALA A 222 -14.73 0.60 -0.46
N GLY A 223 -14.50 -0.03 -1.61
CA GLY A 223 -14.54 0.68 -2.88
C GLY A 223 -15.91 1.27 -3.23
N LEU A 224 -16.97 0.58 -2.85
CA LEU A 224 -18.32 1.04 -3.13
C LEU A 224 -18.61 2.37 -2.44
N ALA A 225 -18.21 2.47 -1.17
CA ALA A 225 -18.45 3.67 -0.38
C ALA A 225 -17.71 4.85 -0.97
N LEU A 226 -16.47 4.62 -1.37
CA LEU A 226 -15.67 5.70 -1.96
C LEU A 226 -16.32 6.22 -3.25
N ILE A 227 -16.71 5.31 -4.13
CA ILE A 227 -17.31 5.71 -5.40
C ILE A 227 -18.61 6.47 -5.15
N LYS A 228 -19.42 5.99 -4.21
CA LYS A 228 -20.69 6.66 -3.92
C LYS A 228 -20.46 8.10 -3.43
N LYS A 229 -19.47 8.28 -2.58
CA LYS A 229 -19.22 9.58 -1.97
C LYS A 229 -18.55 10.57 -2.92
N TYR A 230 -17.60 10.11 -3.71
CA TYR A 230 -16.74 11.05 -4.45
C TYR A 230 -16.98 11.12 -5.94
N TYR A 231 -17.66 10.13 -6.50
CA TYR A 231 -17.81 10.04 -7.94
C TYR A 231 -19.26 9.88 -8.39
N GLY A 232 -19.92 8.83 -7.92
CA GLY A 232 -21.33 8.63 -8.19
C GLY A 232 -21.61 7.79 -9.42
N THR A 233 -22.64 6.96 -9.34
CA THR A 233 -23.06 6.15 -10.48
C THR A 233 -24.59 6.15 -10.61
N LYS A 234 -25.07 6.02 -11.83
CA LYS A 234 -26.51 5.90 -12.07
C LYS A 234 -27.08 4.67 -11.38
N ASP A 235 -26.41 3.53 -11.53
CA ASP A 235 -26.81 2.30 -10.84
C ASP A 235 -26.62 2.42 -9.33
N PRO A 236 -27.39 1.63 -8.55
CA PRO A 236 -27.24 1.67 -7.09
C PRO A 236 -25.81 1.43 -6.62
N VAL A 237 -25.14 0.41 -7.16
CA VAL A 237 -23.73 0.15 -6.83
C VAL A 237 -22.87 -0.11 -8.07
N PRO A 238 -21.56 0.20 -7.98
CA PRO A 238 -20.63 -0.01 -9.10
C PRO A 238 -20.12 -1.45 -9.23
N GLY A 239 -20.28 -2.24 -8.18
CA GLY A 239 -19.68 -3.57 -8.16
C GLY A 239 -20.49 -4.58 -7.39
N TYR A 240 -20.27 -5.86 -7.72
CA TYR A 240 -21.13 -6.95 -7.26
C TYR A 240 -20.34 -8.16 -6.81
N SER A 241 -20.97 -8.98 -5.98
CA SER A 241 -20.39 -10.28 -5.64
C SER A 241 -21.48 -11.34 -5.54
N VAL A 242 -21.07 -12.56 -5.16
CA VAL A 242 -21.98 -13.69 -4.97
C VAL A 242 -21.61 -14.42 -3.68
N PRO A 243 -22.54 -15.23 -3.15
CA PRO A 243 -22.19 -16.03 -1.97
C PRO A 243 -21.06 -17.01 -2.28
N ALA A 244 -20.26 -17.30 -1.27
CA ALA A 244 -19.13 -18.18 -1.46
C ALA A 244 -18.65 -18.67 -0.11
N ALA A 245 -18.04 -19.84 -0.11
CA ALA A 245 -17.43 -20.40 1.09
C ALA A 245 -16.02 -19.89 1.26
N GLU A 246 -15.50 -19.94 2.49
CA GLU A 246 -14.08 -19.80 2.73
C GLU A 246 -13.61 -21.10 3.36
N HIS A 247 -12.30 -21.29 3.53
CA HIS A 247 -11.85 -22.56 4.09
C HIS A 247 -12.50 -22.83 5.44
N SER A 248 -12.70 -21.80 6.26
CA SER A 248 -13.21 -22.02 7.61
C SER A 248 -14.63 -22.59 7.61
N THR A 249 -15.46 -22.21 6.62
CA THR A 249 -16.82 -22.76 6.61
C THR A 249 -16.86 -24.21 6.08
N ILE A 250 -15.76 -24.67 5.49
CA ILE A 250 -15.63 -26.08 5.12
C ILE A 250 -14.96 -26.84 6.27
N THR A 251 -13.83 -26.33 6.76
CA THR A 251 -13.04 -27.08 7.73
C THR A 251 -13.74 -27.19 9.09
N ALA A 252 -14.61 -26.23 9.39
CA ALA A 252 -15.38 -26.27 10.63
C ALA A 252 -16.19 -27.56 10.79
N TRP A 253 -16.53 -28.21 9.68
CA TRP A 253 -17.33 -29.44 9.74
C TRP A 253 -16.55 -30.66 10.18
N GLY A 254 -15.23 -30.53 10.21
CA GLY A 254 -14.36 -31.64 10.52
C GLY A 254 -13.84 -32.30 9.26
N LYS A 255 -12.63 -32.85 9.38
CA LYS A 255 -11.93 -33.43 8.23
C LYS A 255 -12.74 -34.50 7.51
N ASP A 256 -13.49 -35.30 8.26
CA ASP A 256 -14.24 -36.42 7.67
C ASP A 256 -15.57 -35.99 7.06
N HIS A 257 -15.89 -34.71 7.13
CA HIS A 257 -17.22 -34.25 6.74
C HIS A 257 -17.20 -33.16 5.68
N GLU A 258 -16.15 -33.13 4.86
CA GLU A 258 -16.09 -32.19 3.76
C GLU A 258 -17.31 -32.32 2.85
N LYS A 259 -17.73 -33.54 2.55
CA LYS A 259 -18.91 -33.74 1.72
C LYS A 259 -20.16 -33.14 2.35
N ASP A 260 -20.31 -33.31 3.66
CA ASP A 260 -21.44 -32.72 4.37
C ASP A 260 -21.42 -31.20 4.30
N ALA A 261 -20.23 -30.62 4.38
CA ALA A 261 -20.06 -29.18 4.24
C ALA A 261 -20.52 -28.72 2.85
N PHE A 262 -19.96 -29.34 1.81
CA PHE A 262 -20.34 -29.02 0.43
C PHE A 262 -21.86 -29.10 0.25
N GLU A 263 -22.44 -30.21 0.69
CA GLU A 263 -23.88 -30.43 0.47
C GLU A 263 -24.71 -29.35 1.15
N HIS A 264 -24.36 -29.04 2.39
CA HIS A 264 -25.06 -27.99 3.13
C HIS A 264 -24.99 -26.63 2.44
N ILE A 265 -23.80 -26.28 1.93
CA ILE A 265 -23.61 -24.97 1.36
C ILE A 265 -24.34 -24.79 0.02
N VAL A 266 -24.24 -25.77 -0.88
CA VAL A 266 -24.89 -25.61 -2.19
C VAL A 266 -26.41 -25.67 -2.03
N THR A 267 -26.87 -26.31 -0.96
CA THR A 267 -28.30 -26.41 -0.69
C THR A 267 -28.84 -25.13 -0.06
N GLN A 268 -28.06 -24.52 0.83
CA GLN A 268 -28.36 -23.19 1.35
C GLN A 268 -28.46 -22.16 0.23
N PHE A 269 -27.59 -22.29 -0.76
CA PHE A 269 -27.54 -21.34 -1.86
C PHE A 269 -27.88 -22.05 -3.17
N SER A 270 -29.08 -22.63 -3.20
CA SER A 270 -29.48 -23.51 -4.30
C SER A 270 -29.92 -22.78 -5.57
N SER A 271 -30.33 -21.51 -5.43
CA SER A 271 -30.88 -20.79 -6.58
C SER A 271 -30.15 -19.48 -6.87
N VAL A 272 -28.96 -19.31 -6.29
CA VAL A 272 -28.07 -18.24 -6.68
C VAL A 272 -26.70 -18.83 -7.02
N PRO A 273 -25.85 -18.09 -7.75
CA PRO A 273 -24.48 -18.57 -7.93
C PRO A 273 -23.79 -18.78 -6.58
N VAL A 274 -22.97 -19.82 -6.48
CA VAL A 274 -22.23 -20.01 -5.24
C VAL A 274 -20.87 -20.60 -5.57
N SER A 275 -19.84 -20.04 -4.93
CA SER A 275 -18.50 -20.57 -5.09
C SER A 275 -18.13 -21.39 -3.87
N VAL A 276 -17.50 -22.54 -4.07
CA VAL A 276 -17.09 -23.36 -2.95
C VAL A 276 -15.64 -23.73 -3.08
N VAL A 277 -14.84 -23.30 -2.10
CA VAL A 277 -13.42 -23.60 -2.11
C VAL A 277 -13.26 -25.11 -1.86
N SER A 278 -12.49 -25.77 -2.71
CA SER A 278 -12.55 -27.21 -2.76
C SER A 278 -11.20 -27.88 -2.51
N ASP A 279 -10.21 -27.11 -2.07
CA ASP A 279 -8.85 -27.65 -1.90
C ASP A 279 -8.41 -27.76 -0.43
N SER A 280 -9.35 -27.77 0.51
CA SER A 280 -9.00 -27.83 1.94
C SER A 280 -8.10 -29.00 2.26
N TYR A 281 -8.37 -30.15 1.63
CA TYR A 281 -7.61 -31.36 1.91
C TYR A 281 -7.03 -31.97 0.64
N ASP A 282 -7.87 -32.09 -0.40
CA ASP A 282 -7.43 -32.74 -1.63
C ASP A 282 -8.37 -32.28 -2.74
N ILE A 283 -7.95 -31.25 -3.47
CA ILE A 283 -8.74 -30.66 -4.55
C ILE A 283 -9.14 -31.69 -5.61
N TYR A 284 -8.22 -32.60 -5.94
CA TYR A 284 -8.50 -33.55 -7.02
C TYR A 284 -9.54 -34.57 -6.60
N ASN A 285 -9.46 -35.03 -5.37
CA ASN A 285 -10.50 -35.88 -4.79
C ASN A 285 -11.85 -35.17 -4.74
N ALA A 286 -11.83 -33.91 -4.30
CA ALA A 286 -13.06 -33.13 -4.18
C ALA A 286 -13.76 -33.02 -5.53
N CYS A 287 -13.00 -32.78 -6.58
CA CYS A 287 -13.60 -32.62 -7.89
C CYS A 287 -14.07 -33.96 -8.45
N GLU A 288 -13.24 -34.98 -8.32
CA GLU A 288 -13.54 -36.23 -9.00
C GLU A 288 -14.53 -37.09 -8.23
N LYS A 289 -14.39 -37.13 -6.90
CA LYS A 289 -15.22 -38.02 -6.10
C LYS A 289 -16.38 -37.31 -5.43
N ILE A 290 -16.15 -36.12 -4.86
CA ILE A 290 -17.22 -35.48 -4.13
C ILE A 290 -18.16 -34.75 -5.09
N TRP A 291 -17.67 -33.75 -5.82
CA TRP A 291 -18.51 -33.06 -6.80
C TRP A 291 -18.89 -33.98 -7.95
N GLY A 292 -17.92 -34.77 -8.42
CA GLY A 292 -18.09 -35.55 -9.63
C GLY A 292 -18.90 -36.82 -9.48
N GLU A 293 -19.10 -37.26 -8.24
CA GLU A 293 -19.87 -38.49 -8.01
C GLU A 293 -20.90 -38.30 -6.89
N ASP A 294 -20.41 -38.18 -5.65
CA ASP A 294 -21.31 -38.19 -4.50
C ASP A 294 -22.39 -37.11 -4.55
N LEU A 295 -22.00 -35.90 -4.97
CA LEU A 295 -22.93 -34.78 -4.99
C LEU A 295 -23.28 -34.31 -6.41
N ARG A 296 -22.95 -35.11 -7.40
CA ARG A 296 -23.17 -34.73 -8.80
C ARG A 296 -24.63 -34.35 -9.05
N HIS A 297 -25.55 -35.02 -8.35
CA HIS A 297 -26.98 -34.79 -8.54
C HIS A 297 -27.43 -33.41 -8.06
N LEU A 298 -26.67 -32.82 -7.15
CA LEU A 298 -26.96 -31.48 -6.66
C LEU A 298 -26.40 -30.41 -7.57
N ILE A 299 -25.51 -30.81 -8.47
CA ILE A 299 -24.90 -29.87 -9.39
C ILE A 299 -25.65 -29.84 -10.73
N VAL A 300 -25.94 -31.00 -11.30
CA VAL A 300 -26.53 -31.03 -12.64
C VAL A 300 -27.96 -30.51 -12.66
N SER A 301 -28.55 -30.35 -11.49
CA SER A 301 -29.91 -29.83 -11.33
C SER A 301 -29.97 -28.31 -11.28
N ARG A 302 -28.81 -27.66 -11.20
CA ARG A 302 -28.76 -26.21 -10.98
C ARG A 302 -29.07 -25.39 -12.22
N SER A 303 -29.59 -24.19 -12.00
CA SER A 303 -29.88 -23.25 -13.08
C SER A 303 -28.62 -22.62 -13.68
N THR A 304 -28.74 -22.18 -14.94
CA THR A 304 -27.69 -21.45 -15.64
C THR A 304 -27.39 -20.11 -14.95
N GLN A 305 -28.39 -19.56 -14.29
CA GLN A 305 -28.24 -18.31 -13.56
C GLN A 305 -27.68 -18.56 -12.17
N ALA A 306 -27.52 -19.82 -11.81
CA ALA A 306 -27.06 -20.17 -10.46
C ALA A 306 -26.05 -21.32 -10.47
N PRO A 307 -24.93 -21.15 -11.20
CA PRO A 307 -23.98 -22.26 -11.26
C PRO A 307 -23.25 -22.48 -9.94
N LEU A 308 -22.69 -23.68 -9.78
CA LEU A 308 -21.65 -23.92 -8.80
C LEU A 308 -20.32 -23.46 -9.39
N ILE A 309 -19.55 -22.68 -8.64
CA ILE A 309 -18.24 -22.27 -9.08
C ILE A 309 -17.21 -22.95 -8.19
N ILE A 310 -16.40 -23.83 -8.77
CA ILE A 310 -15.43 -24.57 -7.98
C ILE A 310 -14.17 -23.73 -7.88
N ARG A 311 -13.65 -23.60 -6.65
CA ARG A 311 -12.49 -22.76 -6.43
C ARG A 311 -11.30 -23.56 -5.90
N PRO A 312 -10.34 -23.87 -6.79
CA PRO A 312 -9.07 -24.40 -6.28
C PRO A 312 -8.31 -23.24 -5.67
N ASP A 313 -7.35 -23.51 -4.80
CA ASP A 313 -6.70 -22.39 -4.12
C ASP A 313 -5.25 -22.67 -3.74
N SER A 314 -4.65 -23.69 -4.34
CA SER A 314 -3.27 -24.02 -4.04
C SER A 314 -2.64 -24.82 -5.16
N GLY A 315 -1.32 -24.95 -5.12
CA GLY A 315 -0.59 -25.64 -6.16
C GLY A 315 -0.24 -24.67 -7.26
N ASN A 316 0.51 -25.14 -8.25
CA ASN A 316 0.83 -24.30 -9.39
C ASN A 316 -0.47 -23.87 -10.07
N PRO A 317 -0.70 -22.55 -10.23
CA PRO A 317 -2.00 -22.08 -10.73
C PRO A 317 -2.39 -22.66 -12.09
N LEU A 318 -1.48 -22.63 -13.06
CA LEU A 318 -1.82 -23.18 -14.37
C LEU A 318 -2.03 -24.69 -14.28
N ASP A 319 -1.11 -25.39 -13.65
CA ASP A 319 -1.20 -26.86 -13.58
C ASP A 319 -2.46 -27.30 -12.87
N THR A 320 -2.84 -26.57 -11.83
CA THR A 320 -4.02 -26.92 -11.05
C THR A 320 -5.31 -26.64 -11.83
N VAL A 321 -5.39 -25.47 -12.48
CA VAL A 321 -6.55 -25.15 -13.32
C VAL A 321 -6.77 -26.22 -14.38
N LEU A 322 -5.71 -26.58 -15.09
CA LEU A 322 -5.84 -27.56 -16.17
C LEU A 322 -6.27 -28.92 -15.65
N LYS A 323 -5.72 -29.32 -14.50
CA LYS A 323 -6.07 -30.63 -13.94
C LYS A 323 -7.52 -30.63 -13.46
N VAL A 324 -7.95 -29.52 -12.87
CA VAL A 324 -9.33 -29.42 -12.40
C VAL A 324 -10.30 -29.51 -13.59
N LEU A 325 -10.02 -28.74 -14.63
CA LEU A 325 -10.82 -28.79 -15.85
C LEU A 325 -10.85 -30.21 -16.47
N GLU A 326 -9.70 -30.86 -16.54
CA GLU A 326 -9.62 -32.23 -17.06
C GLU A 326 -10.49 -33.21 -16.24
N ILE A 327 -10.41 -33.13 -14.92
CA ILE A 327 -11.23 -33.95 -14.04
C ILE A 327 -12.71 -33.69 -14.27
N LEU A 328 -13.09 -32.41 -14.24
CA LEU A 328 -14.49 -32.05 -14.41
C LEU A 328 -15.00 -32.42 -15.79
N GLY A 329 -14.11 -32.33 -16.78
CA GLY A 329 -14.48 -32.63 -18.16
C GLY A 329 -14.84 -34.09 -18.33
N LYS A 330 -14.32 -34.94 -17.46
CA LYS A 330 -14.61 -36.37 -17.59
C LYS A 330 -15.80 -36.80 -16.75
N LYS A 331 -16.20 -35.95 -15.81
CA LYS A 331 -17.33 -36.24 -14.92
C LYS A 331 -18.62 -35.54 -15.34
N PHE A 332 -18.49 -34.47 -16.11
CA PHE A 332 -19.65 -33.68 -16.53
C PHE A 332 -19.69 -33.57 -18.04
N PRO A 333 -20.88 -33.30 -18.61
CA PRO A 333 -21.00 -33.22 -20.06
C PRO A 333 -20.37 -31.95 -20.64
N VAL A 334 -19.32 -32.12 -21.41
CA VAL A 334 -18.65 -30.98 -22.02
C VAL A 334 -19.12 -30.83 -23.47
N THR A 335 -19.29 -29.59 -23.91
CA THR A 335 -19.62 -29.32 -25.30
C THR A 335 -18.42 -28.65 -25.98
N GLU A 336 -18.48 -28.58 -27.30
CA GLU A 336 -17.47 -27.87 -28.06
C GLU A 336 -18.15 -26.69 -28.71
N ASN A 337 -17.67 -25.48 -28.45
CA ASN A 337 -18.33 -24.31 -28.97
C ASN A 337 -17.95 -24.08 -30.43
N SER A 338 -18.44 -22.99 -31.02
CA SER A 338 -18.30 -22.81 -32.45
C SER A 338 -16.86 -22.51 -32.84
N LYS A 339 -16.04 -22.12 -31.87
CA LYS A 339 -14.63 -21.84 -32.14
C LYS A 339 -13.76 -23.09 -32.00
N GLY A 340 -14.37 -24.18 -31.51
CA GLY A 340 -13.67 -25.44 -31.35
C GLY A 340 -13.13 -25.70 -29.94
N TYR A 341 -13.53 -24.84 -29.01
CA TYR A 341 -13.05 -24.94 -27.64
C TYR A 341 -14.03 -25.64 -26.70
N LYS A 342 -13.49 -26.33 -25.70
CA LYS A 342 -14.31 -27.09 -24.78
C LYS A 342 -15.00 -26.18 -23.78
N LEU A 343 -16.22 -26.54 -23.43
CA LEU A 343 -17.06 -25.73 -22.56
C LEU A 343 -17.76 -26.59 -21.53
N LEU A 344 -17.55 -26.30 -20.25
CA LEU A 344 -18.27 -26.98 -19.17
C LEU A 344 -19.75 -26.69 -19.29
N PRO A 345 -20.61 -27.56 -18.75
CA PRO A 345 -22.05 -27.23 -18.77
C PRO A 345 -22.30 -25.94 -18.00
N PRO A 346 -23.42 -25.26 -18.30
CA PRO A 346 -23.60 -23.90 -17.78
C PRO A 346 -23.79 -23.83 -16.26
N TYR A 347 -24.03 -24.96 -15.60
CA TYR A 347 -24.25 -24.97 -14.17
C TYR A 347 -22.93 -25.14 -13.40
N LEU A 348 -21.82 -25.13 -14.13
CA LEU A 348 -20.52 -25.42 -13.52
C LEU A 348 -19.42 -24.53 -14.09
N ARG A 349 -18.75 -23.81 -13.20
CA ARG A 349 -17.65 -22.93 -13.61
C ARG A 349 -16.52 -23.03 -12.60
N VAL A 350 -15.39 -22.40 -12.91
CA VAL A 350 -14.23 -22.43 -12.03
C VAL A 350 -13.72 -21.00 -11.78
N ILE A 351 -13.18 -20.75 -10.59
CA ILE A 351 -12.45 -19.50 -10.36
C ILE A 351 -11.10 -19.83 -9.73
N GLN A 352 -10.06 -19.24 -10.31
CA GLN A 352 -8.72 -19.35 -9.76
C GLN A 352 -8.42 -18.04 -9.03
N GLY A 353 -8.25 -18.13 -7.72
CA GLY A 353 -8.08 -16.93 -6.90
C GLY A 353 -6.84 -16.96 -6.03
N ASP A 354 -5.88 -17.79 -6.42
CA ASP A 354 -4.62 -17.92 -5.71
C ASP A 354 -3.47 -17.60 -6.65
N GLY A 355 -2.60 -16.69 -6.24
CA GLY A 355 -1.40 -16.38 -7.00
C GLY A 355 -1.62 -15.72 -8.34
N VAL A 356 -2.73 -15.00 -8.48
CA VAL A 356 -3.03 -14.33 -9.74
C VAL A 356 -2.47 -12.91 -9.77
N ASP A 357 -1.61 -12.66 -10.74
CA ASP A 357 -1.22 -11.30 -11.10
C ASP A 357 -1.19 -11.22 -12.63
N ILE A 358 -0.76 -10.09 -13.18
CA ILE A 358 -0.86 -9.93 -14.63
C ILE A 358 -0.03 -10.98 -15.39
N ASN A 359 1.10 -11.39 -14.82
CA ASN A 359 1.93 -12.40 -15.48
C ASN A 359 1.29 -13.79 -15.43
N THR A 360 0.82 -14.19 -14.26
CA THR A 360 0.26 -15.53 -14.13
C THR A 360 -1.11 -15.61 -14.83
N LEU A 361 -1.82 -14.49 -14.89
CA LEU A 361 -3.09 -14.45 -15.61
C LEU A 361 -2.86 -14.82 -17.07
N GLN A 362 -1.86 -14.18 -17.66
CA GLN A 362 -1.47 -14.44 -19.03
C GLN A 362 -1.06 -15.90 -19.21
N GLU A 363 -0.27 -16.42 -18.28
CA GLU A 363 0.14 -17.82 -18.37
C GLU A 363 -1.03 -18.81 -18.35
N ILE A 364 -2.02 -18.53 -17.50
CA ILE A 364 -3.15 -19.44 -17.36
C ILE A 364 -4.03 -19.39 -18.62
N VAL A 365 -4.39 -18.21 -19.11
CA VAL A 365 -5.31 -18.19 -20.26
C VAL A 365 -4.63 -18.79 -21.50
N GLU A 366 -3.32 -18.58 -21.63
CA GLU A 366 -2.61 -19.15 -22.76
C GLU A 366 -2.52 -20.68 -22.64
N GLY A 367 -2.32 -21.17 -21.42
CA GLY A 367 -2.28 -22.59 -21.15
C GLY A 367 -3.61 -23.25 -21.45
N MET A 368 -4.70 -22.59 -21.05
CA MET A 368 -6.04 -23.05 -21.35
C MET A 368 -6.30 -23.12 -22.84
N LYS A 369 -5.92 -22.07 -23.56
CA LYS A 369 -6.12 -22.04 -25.01
C LYS A 369 -5.36 -23.18 -25.67
N GLN A 370 -4.16 -23.45 -25.20
CA GLN A 370 -3.37 -24.52 -25.80
C GLN A 370 -3.97 -25.90 -25.55
N LYS A 371 -4.77 -26.01 -24.48
CA LYS A 371 -5.41 -27.28 -24.15
C LYS A 371 -6.87 -27.30 -24.62
N MET A 372 -7.22 -26.32 -25.45
CA MET A 372 -8.54 -26.21 -26.09
C MET A 372 -9.68 -26.01 -25.11
N TRP A 373 -9.40 -25.33 -24.00
CA TRP A 373 -10.44 -24.94 -23.07
C TRP A 373 -10.84 -23.49 -23.30
N SER A 374 -12.14 -23.22 -23.39
CA SER A 374 -12.60 -21.86 -23.54
C SER A 374 -12.37 -21.03 -22.27
N ILE A 375 -12.09 -19.74 -22.45
CA ILE A 375 -11.94 -18.82 -21.32
C ILE A 375 -13.31 -18.54 -20.68
N GLU A 376 -14.39 -18.87 -21.40
CA GLU A 376 -15.72 -18.84 -20.80
C GLU A 376 -15.81 -19.65 -19.50
N ASN A 377 -14.98 -20.67 -19.37
CA ASN A 377 -15.05 -21.59 -18.23
C ASN A 377 -14.60 -21.01 -16.90
N ILE A 378 -13.87 -19.91 -16.95
CA ILE A 378 -13.08 -19.51 -15.79
C ILE A 378 -13.21 -18.02 -15.48
N ALA A 379 -13.09 -17.71 -14.19
CA ALA A 379 -12.93 -16.34 -13.75
C ALA A 379 -11.70 -16.31 -12.86
N PHE A 380 -11.20 -15.12 -12.58
CA PHE A 380 -10.02 -14.98 -11.78
C PHE A 380 -10.28 -14.08 -10.60
N GLY A 381 -9.73 -14.45 -9.44
CA GLY A 381 -9.74 -13.58 -8.30
C GLY A 381 -8.31 -13.15 -8.04
N SER A 382 -8.11 -11.86 -7.77
CA SER A 382 -6.77 -11.35 -7.56
C SER A 382 -6.81 -10.39 -6.39
N GLY A 383 -5.87 -10.57 -5.47
CA GLY A 383 -5.82 -9.79 -4.25
C GLY A 383 -4.57 -8.96 -4.26
N GLY A 384 -3.54 -9.43 -3.58
CA GLY A 384 -2.27 -8.72 -3.54
C GLY A 384 -1.73 -8.32 -4.89
N GLY A 385 -1.88 -9.20 -5.88
CA GLY A 385 -1.40 -8.92 -7.22
C GLY A 385 -2.11 -7.76 -7.87
N LEU A 386 -3.36 -7.52 -7.45
CA LEU A 386 -4.21 -6.49 -8.06
C LEU A 386 -4.05 -5.12 -7.37
N LEU A 387 -3.95 -5.13 -6.05
CA LEU A 387 -4.03 -3.91 -5.26
C LEU A 387 -2.79 -3.55 -4.45
N GLN A 388 -1.86 -4.49 -4.27
CA GLN A 388 -0.73 -4.19 -3.38
C GLN A 388 0.65 -4.31 -4.02
N LYS A 389 0.79 -5.26 -4.93
CA LYS A 389 2.10 -5.52 -5.55
C LYS A 389 2.33 -4.54 -6.71
N LEU A 390 2.38 -3.25 -6.35
CA LEU A 390 2.54 -2.15 -7.29
C LEU A 390 3.35 -1.08 -6.60
N THR A 391 4.21 -0.38 -7.34
CA THR A 391 4.92 0.77 -6.78
C THR A 391 4.89 1.92 -7.77
N ARG A 392 5.40 3.06 -7.32
CA ARG A 392 5.40 4.28 -8.12
C ARG A 392 6.37 4.14 -9.29
N ASP A 393 7.30 3.20 -9.18
CA ASP A 393 8.26 2.90 -10.25
C ASP A 393 7.66 2.22 -11.48
N LEU A 394 6.50 1.60 -11.33
CA LEU A 394 5.92 0.86 -12.45
C LEU A 394 5.63 1.77 -13.66
N LEU A 395 5.00 2.91 -13.41
CA LEU A 395 4.70 3.89 -14.47
C LEU A 395 5.52 5.16 -14.32
N ASN A 396 6.43 5.18 -13.35
CA ASN A 396 7.29 6.34 -13.12
C ASN A 396 6.50 7.61 -12.94
N CYS A 397 5.48 7.55 -12.09
CA CYS A 397 4.65 8.70 -11.77
C CYS A 397 5.48 9.71 -10.99
N SER A 398 5.51 10.94 -11.48
CA SER A 398 6.46 11.91 -10.93
C SER A 398 5.94 13.35 -11.06
N PHE A 399 6.29 14.19 -10.09
CA PHE A 399 5.84 15.58 -9.98
C PHE A 399 7.09 16.44 -10.05
N LYS A 400 7.12 17.40 -10.97
CA LYS A 400 8.30 18.23 -11.22
C LYS A 400 7.95 19.67 -11.52
N CYS A 401 8.81 20.58 -11.08
CA CYS A 401 8.66 22.00 -11.39
C CYS A 401 9.22 22.30 -12.78
N SER A 402 8.43 22.96 -13.63
CA SER A 402 8.84 23.20 -15.02
C SER A 402 8.89 24.69 -15.35
N TYR A 403 8.31 25.53 -14.51
CA TYR A 403 8.23 26.97 -14.81
C TYR A 403 8.18 27.81 -13.54
N VAL A 404 9.00 28.86 -13.46
CA VAL A 404 8.93 29.76 -12.33
C VAL A 404 8.92 31.20 -12.83
N VAL A 405 8.39 32.10 -12.03
CA VAL A 405 8.57 33.53 -12.33
C VAL A 405 9.38 34.17 -11.21
N THR A 406 10.49 34.81 -11.56
CA THR A 406 11.36 35.45 -10.58
C THR A 406 11.69 36.84 -11.12
N ASN A 407 11.54 37.86 -10.26
CA ASN A 407 11.72 39.25 -10.70
C ASN A 407 10.87 39.58 -11.93
N GLY A 408 9.67 39.02 -11.99
CA GLY A 408 8.75 39.29 -13.08
C GLY A 408 9.09 38.61 -14.40
N LEU A 409 10.15 37.80 -14.41
CA LEU A 409 10.56 37.09 -15.61
C LEU A 409 10.28 35.60 -15.49
N GLY A 410 9.59 35.04 -16.48
CA GLY A 410 9.34 33.60 -16.51
C GLY A 410 10.59 32.87 -16.96
N ILE A 411 10.88 31.76 -16.30
CA ILE A 411 12.05 30.94 -16.59
C ILE A 411 11.60 29.51 -16.75
N ASN A 412 12.02 28.85 -17.83
CA ASN A 412 11.72 27.44 -18.04
C ASN A 412 12.76 26.59 -17.32
N VAL A 413 12.33 25.74 -16.40
CA VAL A 413 13.29 25.03 -15.58
C VAL A 413 13.05 23.52 -15.65
N PHE A 414 14.06 22.74 -15.23
CA PHE A 414 14.02 21.29 -15.46
C PHE A 414 15.22 20.66 -14.77
N LYS A 415 15.16 19.35 -14.55
CA LYS A 415 16.36 18.59 -14.18
C LYS A 415 16.79 17.77 -15.38
N ASP A 416 18.07 17.42 -15.42
CA ASP A 416 18.60 16.64 -16.52
C ASP A 416 19.88 15.94 -16.08
N PRO A 417 19.74 14.93 -15.19
CA PRO A 417 20.91 14.30 -14.58
C PRO A 417 21.80 13.64 -15.62
N VAL A 418 23.11 13.87 -15.52
CA VAL A 418 24.05 13.39 -16.55
C VAL A 418 24.03 11.86 -16.69
N ALA A 419 23.85 11.14 -15.59
CA ALA A 419 23.94 9.68 -15.62
C ALA A 419 22.60 8.99 -15.84
N ASP A 420 21.51 9.76 -15.97
CA ASP A 420 20.22 9.13 -16.27
C ASP A 420 19.30 10.05 -17.08
N PRO A 421 19.41 9.98 -18.41
CA PRO A 421 18.50 10.73 -19.28
C PRO A 421 17.03 10.38 -19.05
N ASN A 422 16.73 9.21 -18.49
CA ASN A 422 15.33 8.85 -18.23
C ASN A 422 14.68 9.76 -17.19
N LYS A 423 15.50 10.48 -16.43
CA LYS A 423 14.97 11.34 -15.36
C LYS A 423 14.89 12.81 -15.76
N ARG A 424 15.22 13.12 -17.02
CA ARG A 424 15.06 14.47 -17.53
C ARG A 424 13.59 14.87 -17.43
N SER A 425 13.33 16.10 -17.00
CA SER A 425 11.96 16.57 -16.87
C SER A 425 11.62 17.62 -17.94
N LYS A 426 10.34 17.94 -18.07
CA LYS A 426 9.88 18.85 -19.13
C LYS A 426 10.12 20.32 -18.78
N LYS A 427 10.27 21.16 -19.81
CA LYS A 427 10.55 22.59 -19.61
C LYS A 427 9.36 23.50 -19.88
N GLY A 428 9.12 24.43 -18.96
CA GLY A 428 8.18 25.51 -19.21
C GLY A 428 6.72 25.19 -18.97
N ARG A 429 5.86 26.07 -19.46
CA ARG A 429 4.43 25.88 -19.32
C ARG A 429 3.98 24.81 -20.30
N LEU A 430 3.13 23.90 -19.84
CA LEU A 430 2.77 22.71 -20.60
C LEU A 430 1.31 22.73 -20.99
N SER A 431 0.99 21.99 -22.05
CA SER A 431 -0.39 21.77 -22.43
C SER A 431 -0.50 20.44 -23.18
N LEU A 432 -1.67 19.84 -23.13
CA LEU A 432 -1.91 18.54 -23.75
C LEU A 432 -2.84 18.70 -24.94
N HIS A 433 -2.47 18.09 -26.07
CA HIS A 433 -3.19 18.29 -27.31
C HIS A 433 -3.36 17.01 -28.09
N ARG A 434 -4.34 17.02 -28.99
CA ARG A 434 -4.50 15.97 -30.00
C ARG A 434 -3.59 16.28 -31.18
N THR A 435 -2.96 15.24 -31.73
CA THR A 435 -2.14 15.40 -32.92
C THR A 435 -3.06 15.31 -34.14
N PRO A 436 -2.55 15.70 -35.33
CA PRO A 436 -3.35 15.53 -36.54
C PRO A 436 -3.80 14.11 -36.78
N ALA A 437 -3.03 13.13 -36.32
CA ALA A 437 -3.43 11.74 -36.49
C ALA A 437 -4.32 11.27 -35.36
N GLY A 438 -4.58 12.13 -34.39
CA GLY A 438 -5.51 11.80 -33.31
C GLY A 438 -4.85 11.22 -32.06
N ASN A 439 -3.52 11.27 -32.03
CA ASN A 439 -2.76 10.82 -30.86
C ASN A 439 -2.60 11.97 -29.88
N PHE A 440 -1.77 11.76 -28.85
CA PHE A 440 -1.55 12.81 -27.86
C PHE A 440 -0.16 13.40 -27.97
N VAL A 441 -0.05 14.69 -27.67
CA VAL A 441 1.26 15.34 -27.58
C VAL A 441 1.24 16.38 -26.47
N THR A 442 2.34 16.45 -25.71
CA THR A 442 2.53 17.49 -24.71
C THR A 442 3.42 18.57 -25.28
N LEU A 443 2.91 19.80 -25.31
CA LEU A 443 3.72 20.92 -25.80
C LEU A 443 4.42 21.59 -24.64
N GLU A 444 5.71 21.85 -24.80
CA GLU A 444 6.50 22.47 -23.73
C GLU A 444 6.74 23.94 -24.03
N GLU A 445 7.30 24.65 -23.05
CA GLU A 445 7.81 26.01 -23.27
C GLU A 445 6.70 26.98 -23.70
N GLY A 446 5.47 26.71 -23.26
CA GLY A 446 4.35 27.60 -23.55
C GLY A 446 3.93 27.59 -25.01
N LYS A 447 4.44 26.64 -25.79
CA LYS A 447 4.13 26.56 -27.22
C LYS A 447 2.66 26.29 -27.54
N GLY A 448 1.89 25.80 -26.57
CA GLY A 448 0.45 25.63 -26.77
C GLY A 448 -0.22 26.96 -27.10
N ASP A 449 0.41 28.06 -26.66
CA ASP A 449 -0.09 29.42 -26.89
C ASP A 449 -0.10 29.81 -28.36
N LEU A 450 0.70 29.12 -29.16
CA LEU A 450 0.77 29.42 -30.59
C LEU A 450 -0.48 28.95 -31.30
N GLU A 451 -1.27 28.11 -30.62
CA GLU A 451 -2.56 27.62 -31.12
C GLU A 451 -2.44 26.90 -32.47
N GLU A 452 -1.39 26.11 -32.62
CA GLU A 452 -1.19 25.32 -33.84
C GLU A 452 -1.70 23.89 -33.66
N TYR A 453 -2.11 23.58 -32.43
CA TYR A 453 -2.46 22.21 -32.05
C TYR A 453 -3.84 22.09 -31.40
N GLY A 454 -4.74 23.01 -31.71
CA GLY A 454 -6.08 22.92 -31.18
C GLY A 454 -6.10 23.17 -29.69
N GLN A 455 -7.20 22.80 -29.05
CA GLN A 455 -7.40 23.22 -27.68
C GLN A 455 -6.69 22.28 -26.69
N ASP A 456 -6.25 22.88 -25.59
CA ASP A 456 -5.68 22.17 -24.45
C ASP A 456 -6.68 21.15 -23.91
N LEU A 457 -6.24 19.92 -23.68
CA LEU A 457 -7.10 18.87 -23.11
C LEU A 457 -7.13 18.92 -21.58
N LEU A 458 -6.27 19.73 -20.97
CA LEU A 458 -6.32 19.93 -19.52
C LEU A 458 -7.42 20.92 -19.17
N HIS A 459 -8.21 20.58 -18.16
CA HIS A 459 -9.27 21.47 -17.69
C HIS A 459 -8.99 21.90 -16.27
N THR A 460 -9.40 23.10 -15.89
CA THR A 460 -9.29 23.51 -14.48
C THR A 460 -10.23 22.67 -13.61
N VAL A 461 -9.67 21.91 -12.68
CA VAL A 461 -10.47 21.07 -11.80
C VAL A 461 -10.48 21.59 -10.35
N PHE A 462 -9.52 22.46 -10.03
CA PHE A 462 -9.42 23.02 -8.69
C PHE A 462 -8.91 24.47 -8.78
N LYS A 463 -9.55 25.39 -8.08
CA LYS A 463 -9.05 26.76 -8.03
C LYS A 463 -9.47 27.45 -6.74
N ASN A 464 -8.48 27.95 -5.99
CA ASN A 464 -8.72 28.72 -4.78
C ASN A 464 -9.68 28.05 -3.81
N GLY A 465 -9.49 26.74 -3.61
CA GLY A 465 -10.21 26.00 -2.59
C GLY A 465 -11.49 25.33 -3.07
N LYS A 466 -11.84 25.53 -4.34
CA LYS A 466 -13.07 24.96 -4.87
C LYS A 466 -12.78 23.95 -5.95
N VAL A 467 -13.51 22.84 -5.94
CA VAL A 467 -13.45 21.89 -7.03
C VAL A 467 -14.35 22.42 -8.14
N THR A 468 -13.77 22.61 -9.32
CA THR A 468 -14.43 23.40 -10.37
C THR A 468 -14.95 22.54 -11.51
N LYS A 469 -14.52 21.28 -11.53
CA LYS A 469 -14.96 20.33 -12.54
C LYS A 469 -14.87 18.93 -11.96
N SER A 470 -15.97 18.17 -12.06
CA SER A 470 -16.06 16.83 -11.49
C SER A 470 -16.62 15.86 -12.52
N TYR A 471 -16.26 14.59 -12.35
CA TYR A 471 -16.71 13.54 -13.24
C TYR A 471 -17.45 12.45 -12.47
N SER A 472 -18.49 11.89 -13.07
CA SER A 472 -19.17 10.75 -12.47
C SER A 472 -18.39 9.47 -12.78
N PHE A 473 -18.66 8.42 -12.03
CA PHE A 473 -17.92 7.18 -12.24
C PHE A 473 -18.34 6.59 -13.58
N ASP A 474 -19.58 6.84 -13.98
CA ASP A 474 -20.06 6.41 -15.30
C ASP A 474 -19.23 7.02 -16.44
N GLU A 475 -18.96 8.32 -16.34
CA GLU A 475 -18.14 9.02 -17.33
C GLU A 475 -16.73 8.46 -17.37
N ILE A 476 -16.17 8.19 -16.20
CA ILE A 476 -14.82 7.66 -16.11
C ILE A 476 -14.72 6.29 -16.77
N ARG A 477 -15.68 5.42 -16.47
CA ARG A 477 -15.75 4.10 -17.10
C ARG A 477 -15.81 4.22 -18.64
N LYS A 478 -16.61 5.16 -19.14
CA LYS A 478 -16.75 5.34 -20.59
C LYS A 478 -15.41 5.77 -21.19
N ASN A 479 -14.71 6.66 -20.51
CA ASN A 479 -13.42 7.14 -20.97
C ASN A 479 -12.36 6.05 -21.00
N ALA A 480 -12.47 5.11 -20.06
CA ALA A 480 -11.45 4.06 -19.94
C ALA A 480 -11.76 2.79 -20.74
N GLN A 481 -12.81 2.80 -21.55
CA GLN A 481 -13.17 1.63 -22.36
C GLN A 481 -12.01 1.12 -23.23
N LEU A 482 -12.01 -0.18 -23.49
CA LEU A 482 -11.04 -0.76 -24.42
C LEU A 482 -11.47 -0.44 -25.84
N ASN A 483 -10.52 -0.40 -26.76
CA ASN A 483 -10.86 -0.26 -28.19
C ASN A 483 -11.78 -1.39 -28.63
N ILE A 484 -11.45 -2.60 -28.20
CA ILE A 484 -12.11 -3.81 -28.66
C ILE A 484 -13.60 -3.84 -28.29
N GLU A 485 -14.00 -3.04 -27.30
CA GLU A 485 -15.40 -2.95 -26.95
C GLU A 485 -16.05 -1.65 -27.44
N LEU A 486 -15.22 -0.71 -27.91
CA LEU A 486 -15.73 0.53 -28.49
C LEU A 486 -16.55 0.26 -29.75
N GLU B 8 -17.64 8.43 8.20
CA GLU B 8 -17.84 7.46 9.26
C GLU B 8 -17.59 6.03 8.80
N PHE B 9 -16.63 5.39 9.45
CA PHE B 9 -16.31 3.98 9.25
C PHE B 9 -17.44 3.08 9.73
N ASN B 10 -17.72 2.02 8.97
CA ASN B 10 -18.78 1.09 9.32
C ASN B 10 -18.25 -0.35 9.27
N ILE B 11 -18.06 -0.96 10.44
CA ILE B 11 -17.45 -2.28 10.50
C ILE B 11 -18.28 -3.36 9.78
N LEU B 12 -19.57 -3.08 9.59
CA LEU B 12 -20.44 -3.99 8.86
C LEU B 12 -20.11 -3.96 7.37
N LEU B 13 -19.38 -2.94 6.96
CA LEU B 13 -18.99 -2.80 5.55
C LEU B 13 -17.48 -2.92 5.38
N ALA B 14 -16.81 -3.45 6.40
CA ALA B 14 -15.34 -3.52 6.37
C ALA B 14 -14.86 -4.95 6.36
N THR B 15 -15.50 -5.78 5.55
CA THR B 15 -15.11 -7.17 5.42
C THR B 15 -15.16 -7.56 3.94
N ASP B 16 -14.49 -8.65 3.56
CA ASP B 16 -14.68 -9.21 2.22
C ASP B 16 -16.15 -9.57 2.02
N SER B 17 -16.71 -9.24 0.86
CA SER B 17 -18.12 -9.46 0.60
C SER B 17 -18.60 -10.85 0.97
N TYR B 18 -17.85 -11.88 0.59
CA TYR B 18 -18.39 -13.23 0.73
C TYR B 18 -18.59 -13.61 2.20
N LYS B 19 -17.91 -12.93 3.12
CA LYS B 19 -18.06 -13.23 4.54
C LYS B 19 -19.46 -12.88 5.06
N VAL B 20 -20.14 -11.98 4.37
CA VAL B 20 -21.52 -11.68 4.68
C VAL B 20 -22.38 -12.95 4.65
N THR B 21 -22.00 -13.91 3.81
CA THR B 21 -22.82 -15.11 3.61
C THR B 21 -22.41 -16.31 4.48
N HIS B 22 -21.35 -16.16 5.28
CA HIS B 22 -20.78 -17.33 5.95
C HIS B 22 -21.56 -17.82 7.16
N TYR B 23 -22.35 -16.95 7.79
CA TYR B 23 -23.08 -17.36 8.98
C TYR B 23 -24.03 -18.52 8.70
N LYS B 24 -24.46 -18.64 7.45
CA LYS B 24 -25.35 -19.72 7.03
C LYS B 24 -24.62 -21.01 6.69
N GLN B 25 -23.29 -20.96 6.65
CA GLN B 25 -22.50 -22.07 6.11
C GLN B 25 -21.85 -22.95 7.17
N TYR B 26 -21.66 -22.40 8.37
CA TYR B 26 -21.08 -23.18 9.47
C TYR B 26 -22.04 -24.31 9.86
N PRO B 27 -21.52 -25.39 10.48
CA PRO B 27 -22.39 -26.47 10.94
C PRO B 27 -23.49 -25.92 11.85
N PRO B 28 -24.74 -26.42 11.69
CA PRO B 28 -25.80 -26.06 12.64
C PRO B 28 -25.34 -26.20 14.09
N ASN B 29 -25.82 -25.32 14.95
CA ASN B 29 -25.51 -25.34 16.38
C ASN B 29 -24.04 -25.15 16.68
N THR B 30 -23.36 -24.36 15.87
CA THR B 30 -21.99 -23.97 16.19
C THR B 30 -22.02 -22.79 17.15
N SER B 31 -21.29 -22.91 18.25
CA SER B 31 -21.34 -21.89 19.29
C SER B 31 -20.01 -21.17 19.48
N LYS B 32 -18.91 -21.76 19.01
CA LYS B 32 -17.62 -21.11 19.13
C LYS B 32 -16.81 -21.27 17.85
N VAL B 33 -16.24 -20.17 17.38
CA VAL B 33 -15.26 -20.20 16.29
C VAL B 33 -14.02 -19.51 16.83
N TYR B 34 -12.91 -20.21 16.77
CA TYR B 34 -11.66 -19.78 17.34
C TYR B 34 -10.63 -19.76 16.22
N SER B 35 -9.98 -18.62 16.02
CA SER B 35 -9.04 -18.49 14.92
C SER B 35 -7.75 -17.82 15.39
N TYR B 36 -6.69 -17.93 14.57
CA TYR B 36 -5.39 -17.44 14.96
C TYR B 36 -4.65 -16.82 13.76
N PHE B 37 -3.69 -15.96 14.07
CA PHE B 37 -2.85 -15.30 13.07
C PHE B 37 -1.42 -15.74 13.26
N GLU B 38 -0.76 -16.10 12.16
CA GLU B 38 0.68 -16.40 12.16
C GLU B 38 1.34 -15.85 10.91
N CYS B 39 2.66 -15.73 10.97
CA CYS B 39 3.47 -15.47 9.78
C CYS B 39 4.04 -16.83 9.41
N ARG B 40 3.33 -17.52 8.51
CA ARG B 40 3.57 -18.93 8.21
C ARG B 40 5.01 -19.19 7.78
N GLU B 41 5.56 -20.29 8.28
CA GLU B 41 6.89 -20.71 7.89
C GLU B 41 6.83 -21.19 6.44
N LYS B 42 7.89 -20.94 5.69
CA LYS B 42 7.96 -21.42 4.31
C LYS B 42 9.31 -22.04 4.01
N LYS B 53 15.94 -16.28 5.02
CA LYS B 53 15.64 -14.85 5.09
C LYS B 53 14.29 -14.61 5.76
N TYR B 54 14.23 -13.53 6.55
CA TYR B 54 13.05 -13.19 7.35
C TYR B 54 12.63 -14.33 8.27
N GLU B 55 13.57 -14.82 9.05
CA GLU B 55 13.32 -15.93 9.96
C GLU B 55 12.52 -15.54 11.21
N GLU B 56 12.53 -14.25 11.53
CA GLU B 56 11.82 -13.75 12.71
C GLU B 56 11.09 -12.46 12.36
N THR B 57 9.96 -12.24 13.00
CA THR B 57 9.13 -11.08 12.67
C THR B 57 8.96 -10.19 13.89
N VAL B 58 8.76 -8.91 13.65
CA VAL B 58 8.43 -7.95 14.69
C VAL B 58 6.92 -7.83 14.75
N PHE B 59 6.31 -8.16 15.89
CA PHE B 59 4.86 -8.02 15.99
C PHE B 59 4.52 -6.58 16.35
N TYR B 60 3.95 -5.86 15.40
CA TYR B 60 3.59 -4.49 15.63
C TYR B 60 2.37 -4.09 14.82
N GLY B 61 1.45 -3.34 15.44
CA GLY B 61 0.40 -2.67 14.69
C GLY B 61 -1.03 -3.03 15.07
N LEU B 62 -1.19 -4.11 15.84
CA LEU B 62 -2.54 -4.56 16.22
C LEU B 62 -3.22 -3.52 17.11
N GLN B 63 -2.44 -2.89 17.97
CA GLN B 63 -3.00 -1.91 18.91
C GLN B 63 -3.69 -0.75 18.19
N TYR B 64 -3.11 -0.31 17.08
CA TYR B 64 -3.74 0.68 16.23
C TYR B 64 -5.10 0.23 15.74
N ILE B 65 -5.13 -0.98 15.21
CA ILE B 65 -6.35 -1.53 14.65
C ILE B 65 -7.43 -1.67 15.72
N LEU B 66 -7.05 -2.18 16.89
CA LEU B 66 -8.02 -2.39 17.96
C LEU B 66 -8.67 -1.08 18.39
N ASN B 67 -7.84 -0.06 18.56
CA ASN B 67 -8.34 1.23 19.02
C ASN B 67 -9.09 2.01 17.97
N LYS B 68 -8.63 1.98 16.73
CA LYS B 68 -9.25 2.78 15.69
C LYS B 68 -10.56 2.19 15.17
N TYR B 69 -10.61 0.87 15.07
CA TYR B 69 -11.73 0.21 14.39
C TYR B 69 -12.61 -0.72 15.22
N LEU B 70 -12.05 -1.37 16.24
CA LEU B 70 -12.76 -2.45 16.91
C LEU B 70 -13.35 -2.11 18.28
N LYS B 71 -12.83 -1.10 18.96
CA LYS B 71 -13.26 -0.87 20.34
C LYS B 71 -14.49 0.02 20.44
N GLY B 72 -15.21 -0.14 21.54
CA GLY B 72 -16.37 0.70 21.82
C GLY B 72 -17.61 0.33 21.01
N LYS B 73 -18.53 1.29 20.91
CA LYS B 73 -19.78 1.07 20.19
C LYS B 73 -19.53 1.19 18.69
N VAL B 74 -19.40 0.05 18.03
CA VAL B 74 -19.07 0.02 16.61
C VAL B 74 -20.29 -0.37 15.79
N VAL B 75 -21.40 -0.71 16.46
CA VAL B 75 -22.65 -1.03 15.78
C VAL B 75 -23.72 -0.03 16.19
N THR B 76 -24.40 0.55 15.20
CA THR B 76 -25.54 1.43 15.44
C THR B 76 -26.70 1.01 14.54
N LYS B 77 -27.91 1.49 14.85
CA LYS B 77 -29.06 1.19 14.01
C LYS B 77 -28.80 1.69 12.60
N GLU B 78 -28.16 2.85 12.50
CA GLU B 78 -27.88 3.49 11.23
C GLU B 78 -26.92 2.65 10.39
N LYS B 79 -25.90 2.12 11.05
CA LYS B 79 -24.90 1.31 10.35
C LYS B 79 -25.48 -0.01 9.86
N ILE B 80 -26.41 -0.57 10.63
CA ILE B 80 -27.03 -1.81 10.20
C ILE B 80 -27.90 -1.56 8.96
N GLN B 81 -28.68 -0.49 8.99
CA GLN B 81 -29.50 -0.12 7.84
C GLN B 81 -28.66 0.17 6.60
N GLU B 82 -27.54 0.87 6.78
CA GLU B 82 -26.66 1.18 5.66
C GLU B 82 -26.14 -0.11 5.02
N ALA B 83 -25.69 -1.05 5.85
CA ALA B 83 -25.16 -2.31 5.36
C ALA B 83 -26.25 -3.12 4.67
N LYS B 84 -27.45 -3.12 5.25
CA LYS B 84 -28.57 -3.83 4.66
C LYS B 84 -28.82 -3.35 3.23
N ASP B 85 -28.83 -2.04 3.05
CA ASP B 85 -29.13 -1.42 1.76
C ASP B 85 -28.02 -1.65 0.75
N VAL B 86 -26.78 -1.53 1.20
CA VAL B 86 -25.62 -1.79 0.34
C VAL B 86 -25.59 -3.24 -0.14
N TYR B 87 -25.69 -4.18 0.78
CA TYR B 87 -25.57 -5.59 0.41
C TYR B 87 -26.75 -6.07 -0.44
N LYS B 88 -27.93 -5.52 -0.22
CA LYS B 88 -29.08 -5.88 -1.05
C LYS B 88 -28.76 -5.63 -2.54
N GLU B 89 -28.16 -4.49 -2.83
CA GLU B 89 -27.77 -4.14 -4.20
C GLU B 89 -26.52 -4.89 -4.67
N HIS B 90 -25.56 -5.04 -3.76
CA HIS B 90 -24.27 -5.65 -4.06
C HIS B 90 -24.41 -7.13 -4.43
N PHE B 91 -25.31 -7.84 -3.75
CA PHE B 91 -25.56 -9.27 -4.02
C PHE B 91 -26.76 -9.50 -4.92
N GLN B 92 -27.49 -8.41 -5.18
CA GLN B 92 -28.74 -8.47 -5.94
C GLN B 92 -29.70 -9.47 -5.30
N ASP B 93 -29.64 -9.52 -3.97
CA ASP B 93 -30.41 -10.48 -3.18
C ASP B 93 -30.25 -10.12 -1.69
N ASP B 94 -31.18 -10.58 -0.86
CA ASP B 94 -31.08 -10.31 0.57
C ASP B 94 -30.41 -11.48 1.25
N VAL B 95 -29.14 -11.30 1.61
CA VAL B 95 -28.37 -12.37 2.23
C VAL B 95 -27.70 -11.89 3.54
N PHE B 96 -27.86 -10.62 3.86
CA PHE B 96 -27.23 -9.99 5.03
C PHE B 96 -27.85 -10.40 6.40
N ASN B 97 -26.99 -10.73 7.38
CA ASN B 97 -27.42 -11.16 8.72
C ASN B 97 -27.89 -10.01 9.62
N GLU B 98 -29.02 -9.39 9.27
CA GLU B 98 -29.51 -8.26 10.06
C GLU B 98 -29.73 -8.66 11.53
N LYS B 99 -30.25 -9.87 11.74
CA LYS B 99 -30.59 -10.33 13.08
C LYS B 99 -29.36 -10.53 13.99
N GLY B 100 -28.26 -11.03 13.43
CA GLY B 100 -27.04 -11.18 14.20
C GLY B 100 -26.51 -9.86 14.70
N TRP B 101 -26.53 -8.84 13.84
CA TRP B 101 -25.98 -7.54 14.19
C TRP B 101 -26.91 -6.78 15.14
N ASN B 102 -28.21 -6.95 14.94
CA ASN B 102 -29.17 -6.35 15.87
C ASN B 102 -29.01 -6.92 17.27
N TYR B 103 -28.72 -8.21 17.36
CA TYR B 103 -28.46 -8.86 18.63
C TYR B 103 -27.30 -8.17 19.35
N ILE B 104 -26.20 -7.94 18.62
CA ILE B 104 -25.04 -7.28 19.22
C ILE B 104 -25.39 -5.88 19.68
N LEU B 105 -26.13 -5.16 18.84
CA LEU B 105 -26.60 -3.82 19.19
C LEU B 105 -27.43 -3.82 20.48
N GLU B 106 -28.37 -4.75 20.60
CA GLU B 106 -29.30 -4.75 21.73
C GLU B 106 -28.71 -5.35 22.99
N LYS B 107 -27.94 -6.43 22.86
CA LYS B 107 -27.40 -7.12 24.01
C LYS B 107 -26.16 -6.44 24.58
N TYR B 108 -25.28 -5.96 23.70
CA TYR B 108 -23.98 -5.44 24.14
C TYR B 108 -23.76 -3.96 23.83
N ASP B 109 -24.85 -3.26 23.55
CA ASP B 109 -24.78 -1.84 23.19
C ASP B 109 -23.76 -1.60 22.07
N GLY B 110 -23.76 -2.48 21.08
CA GLY B 110 -22.93 -2.31 19.91
C GLY B 110 -21.45 -2.64 20.11
N HIS B 111 -21.09 -3.15 21.28
CA HIS B 111 -19.70 -3.60 21.53
C HIS B 111 -19.51 -5.05 21.06
N LEU B 112 -18.36 -5.35 20.46
CA LEU B 112 -18.12 -6.69 19.92
C LEU B 112 -17.82 -7.76 20.99
N PRO B 113 -18.64 -8.81 21.03
CA PRO B 113 -18.36 -9.91 21.98
C PRO B 113 -17.27 -10.84 21.44
N ILE B 114 -16.04 -10.37 21.54
CA ILE B 114 -14.85 -11.00 20.99
C ILE B 114 -13.75 -10.92 22.04
N GLU B 115 -12.94 -11.98 22.14
CA GLU B 115 -11.73 -11.93 22.96
C GLU B 115 -10.51 -12.18 22.08
N ILE B 116 -9.56 -11.26 22.15
CA ILE B 116 -8.32 -11.38 21.38
C ILE B 116 -7.15 -11.49 22.35
N LYS B 117 -6.28 -12.47 22.13
CA LYS B 117 -5.06 -12.62 22.91
C LYS B 117 -3.90 -12.42 21.96
N ALA B 118 -2.84 -11.75 22.42
CA ALA B 118 -1.72 -11.44 21.53
C ALA B 118 -0.37 -11.41 22.22
N VAL B 119 0.68 -11.65 21.45
CA VAL B 119 2.04 -11.42 21.92
C VAL B 119 2.26 -9.92 22.07
N PRO B 120 3.10 -9.51 23.04
CA PRO B 120 3.37 -8.07 23.24
C PRO B 120 3.90 -7.37 22.00
N GLU B 121 3.45 -6.15 21.76
CA GLU B 121 3.92 -5.37 20.62
C GLU B 121 5.42 -5.12 20.72
N GLY B 122 6.10 -5.28 19.59
CA GLY B 122 7.54 -5.10 19.52
C GLY B 122 8.27 -6.42 19.66
N PHE B 123 7.57 -7.46 20.12
CA PHE B 123 8.23 -8.75 20.32
C PHE B 123 8.76 -9.29 18.99
N VAL B 124 9.95 -9.88 19.07
CA VAL B 124 10.59 -10.51 17.92
C VAL B 124 10.42 -12.02 18.02
N ILE B 125 9.65 -12.59 17.09
CA ILE B 125 9.19 -13.98 17.17
C ILE B 125 9.50 -14.74 15.90
N PRO B 126 10.09 -15.95 16.01
CA PRO B 126 10.34 -16.74 14.81
C PRO B 126 9.07 -17.05 14.01
N ARG B 127 9.21 -17.20 12.69
CA ARG B 127 8.10 -17.53 11.82
C ARG B 127 7.42 -18.81 12.29
N GLY B 128 6.11 -18.92 12.07
CA GLY B 128 5.41 -20.15 12.37
C GLY B 128 4.87 -20.25 13.78
N ASN B 129 4.87 -19.14 14.50
CA ASN B 129 4.30 -19.11 15.85
C ASN B 129 2.99 -18.35 15.87
N VAL B 130 2.11 -18.71 16.80
CA VAL B 130 0.88 -17.96 16.99
C VAL B 130 1.23 -16.54 17.47
N LEU B 131 0.65 -15.53 16.83
CA LEU B 131 0.89 -14.15 17.22
C LEU B 131 -0.33 -13.54 17.89
N PHE B 132 -1.52 -13.88 17.40
CA PHE B 132 -2.72 -13.56 18.16
C PHE B 132 -3.84 -14.55 17.84
N THR B 133 -4.81 -14.63 18.75
CA THR B 133 -5.96 -15.53 18.59
C THR B 133 -7.22 -14.71 18.79
N VAL B 134 -8.31 -15.19 18.21
CA VAL B 134 -9.59 -14.48 18.20
C VAL B 134 -10.69 -15.50 18.44
N GLU B 135 -11.60 -15.23 19.38
CA GLU B 135 -12.77 -16.09 19.53
C GLU B 135 -13.97 -15.27 20.01
N ASN B 136 -15.18 -15.75 19.70
CA ASN B 136 -16.38 -15.09 20.18
C ASN B 136 -16.63 -15.43 21.64
N THR B 137 -17.22 -14.49 22.38
CA THR B 137 -17.51 -14.69 23.80
C THR B 137 -18.99 -14.98 24.04
N ASP B 138 -19.79 -14.88 22.98
CA ASP B 138 -21.22 -15.20 23.03
C ASP B 138 -21.54 -16.21 21.93
N PRO B 139 -22.15 -17.36 22.30
CA PRO B 139 -22.49 -18.39 21.31
C PRO B 139 -23.29 -17.91 20.11
N GLU B 140 -24.13 -16.89 20.28
CA GLU B 140 -24.89 -16.32 19.18
C GLU B 140 -23.99 -15.65 18.13
N CYS B 141 -22.75 -15.34 18.52
CA CYS B 141 -21.86 -14.59 17.64
C CYS B 141 -20.72 -15.43 17.11
N TYR B 142 -20.97 -16.73 16.94
CA TYR B 142 -20.00 -17.63 16.32
C TYR B 142 -19.45 -17.09 14.99
N TRP B 143 -20.30 -16.37 14.25
CA TRP B 143 -19.97 -15.86 12.92
C TRP B 143 -19.06 -14.64 12.97
N LEU B 144 -18.93 -14.05 14.14
CA LEU B 144 -18.23 -12.77 14.26
C LEU B 144 -16.73 -12.92 14.18
N THR B 145 -16.22 -14.06 14.65
CA THR B 145 -14.78 -14.30 14.67
C THR B 145 -14.14 -14.08 13.31
N ASN B 146 -14.69 -14.71 12.29
CA ASN B 146 -14.07 -14.57 10.99
C ASN B 146 -14.60 -13.38 10.18
N TRP B 147 -15.65 -12.71 10.67
CA TRP B 147 -16.08 -11.47 10.04
C TRP B 147 -14.95 -10.46 10.06
N ILE B 148 -14.28 -10.35 11.20
CA ILE B 148 -13.21 -9.36 11.36
C ILE B 148 -11.85 -9.88 10.93
N GLU B 149 -11.81 -11.03 10.25
CA GLU B 149 -10.54 -11.49 9.68
C GLU B 149 -9.91 -10.41 8.79
N THR B 150 -10.71 -9.83 7.90
CA THR B 150 -10.18 -8.93 6.90
C THR B 150 -9.47 -7.73 7.54
N ILE B 151 -10.15 -7.09 8.50
CA ILE B 151 -9.59 -5.97 9.26
C ILE B 151 -8.31 -6.36 10.01
N LEU B 152 -8.35 -7.50 10.68
CA LEU B 152 -7.22 -7.91 11.51
C LEU B 152 -6.03 -8.38 10.69
N VAL B 153 -6.27 -8.96 9.52
CA VAL B 153 -5.17 -9.48 8.70
C VAL B 153 -4.32 -8.34 8.13
N GLN B 154 -4.91 -7.14 8.04
CA GLN B 154 -4.16 -5.97 7.57
C GLN B 154 -3.01 -5.61 8.53
N SER B 155 -2.98 -6.27 9.69
CA SER B 155 -1.82 -6.15 10.58
C SER B 155 -0.56 -6.65 9.89
N TRP B 156 -0.71 -7.41 8.79
CA TRP B 156 0.45 -7.88 8.03
C TRP B 156 1.36 -6.70 7.66
N TYR B 157 0.76 -5.54 7.40
CA TYR B 157 1.53 -4.46 6.80
C TYR B 157 2.48 -3.85 7.83
N PRO B 158 1.97 -3.38 8.99
CA PRO B 158 2.96 -2.85 9.95
C PRO B 158 3.93 -3.92 10.42
N ILE B 159 3.49 -5.17 10.52
CA ILE B 159 4.42 -6.23 10.89
C ILE B 159 5.54 -6.32 9.88
N THR B 160 5.16 -6.29 8.60
CA THR B 160 6.14 -6.50 7.56
C THR B 160 7.08 -5.30 7.41
N VAL B 161 6.55 -4.10 7.55
CA VAL B 161 7.40 -2.92 7.45
C VAL B 161 8.40 -2.95 8.60
N ALA B 162 7.90 -3.18 9.81
CA ALA B 162 8.77 -3.18 10.99
C ALA B 162 9.85 -4.27 10.89
N THR B 163 9.46 -5.43 10.39
CA THR B 163 10.39 -6.54 10.23
C THR B 163 11.46 -6.24 9.18
N ASN B 164 11.03 -5.75 8.02
CA ASN B 164 11.97 -5.46 6.95
C ASN B 164 12.89 -4.29 7.34
N SER B 165 12.35 -3.32 8.06
CA SER B 165 13.15 -2.19 8.56
C SER B 165 14.21 -2.69 9.53
N ARG B 166 13.81 -3.62 10.40
CA ARG B 166 14.73 -4.15 11.41
C ARG B 166 15.83 -4.97 10.74
N GLU B 167 15.48 -5.70 9.68
CA GLU B 167 16.49 -6.47 8.94
C GLU B 167 17.52 -5.53 8.32
N GLN B 168 17.08 -4.38 7.86
CA GLN B 168 18.03 -3.40 7.33
C GLN B 168 18.92 -2.85 8.44
N LYS B 169 18.36 -2.67 9.62
CA LYS B 169 19.13 -2.17 10.77
C LYS B 169 20.25 -3.17 11.11
N LYS B 170 19.95 -4.47 10.99
CA LYS B 170 20.94 -5.50 11.24
C LYS B 170 22.12 -5.40 10.29
N ILE B 171 21.82 -5.11 9.03
CA ILE B 171 22.87 -4.95 8.03
C ILE B 171 23.71 -3.71 8.35
N LEU B 172 23.04 -2.61 8.64
CA LEU B 172 23.73 -1.36 8.93
C LEU B 172 24.59 -1.53 10.17
N ALA B 173 24.04 -2.17 11.19
CA ALA B 173 24.76 -2.37 12.45
C ALA B 173 26.04 -3.16 12.22
N LYS B 174 25.92 -4.26 11.49
CA LYS B 174 27.06 -5.11 11.18
C LYS B 174 28.19 -4.33 10.52
N TYR B 175 27.85 -3.54 9.50
CA TYR B 175 28.88 -2.85 8.72
C TYR B 175 29.38 -1.59 9.43
N LEU B 176 28.52 -0.96 10.21
CA LEU B 176 28.94 0.19 11.00
C LEU B 176 29.91 -0.24 12.09
N LEU B 177 29.61 -1.37 12.73
CA LEU B 177 30.49 -1.89 13.76
C LEU B 177 31.84 -2.28 13.17
N GLU B 178 31.80 -2.90 11.99
CA GLU B 178 33.00 -3.37 11.33
C GLU B 178 33.91 -2.22 10.90
N THR B 179 33.32 -1.15 10.38
CA THR B 179 34.13 -0.08 9.81
C THR B 179 34.41 1.08 10.77
N SER B 180 33.71 1.13 11.91
CA SER B 180 33.90 2.24 12.85
C SER B 180 34.19 1.80 14.28
N GLY B 181 33.84 0.57 14.63
CA GLY B 181 34.06 0.06 15.97
C GLY B 181 32.94 0.33 16.95
N ASN B 182 31.91 1.04 16.53
CA ASN B 182 30.77 1.30 17.41
C ASN B 182 29.48 1.43 16.61
N LEU B 183 28.37 1.71 17.29
CA LEU B 183 27.08 1.87 16.62
C LEU B 183 26.54 3.29 16.70
N ASP B 184 27.41 4.27 16.94
CA ASP B 184 26.97 5.66 17.01
C ASP B 184 26.28 6.10 15.72
N GLY B 185 25.10 6.68 15.86
CA GLY B 185 24.37 7.19 14.70
C GLY B 185 23.50 6.16 14.00
N LEU B 186 23.53 4.91 14.44
CA LEU B 186 22.80 3.82 13.75
C LEU B 186 21.33 4.15 13.56
N GLU B 187 20.74 4.73 14.60
CA GLU B 187 19.31 4.98 14.62
C GLU B 187 18.89 6.06 13.62
N TYR B 188 19.84 6.78 13.05
CA TYR B 188 19.53 7.78 12.03
C TYR B 188 20.01 7.41 10.63
N LYS B 189 20.47 6.17 10.47
CA LYS B 189 21.14 5.75 9.23
C LYS B 189 20.18 5.34 8.11
N LEU B 190 18.93 5.04 8.45
CA LEU B 190 17.94 4.70 7.43
C LEU B 190 16.71 5.59 7.63
N HIS B 191 16.53 6.52 6.71
CA HIS B 191 15.54 7.58 6.85
C HIS B 191 14.35 7.28 5.92
N ASP B 192 13.14 7.45 6.46
CA ASP B 192 11.91 7.22 5.71
C ASP B 192 11.65 8.39 4.73
N PHE B 193 11.72 8.07 3.44
CA PHE B 193 11.46 8.98 2.33
C PHE B 193 10.15 8.61 1.62
N GLY B 194 9.35 7.76 2.24
CA GLY B 194 8.29 7.08 1.52
C GLY B 194 6.91 7.71 1.44
N TYR B 195 6.75 8.92 1.93
CA TYR B 195 5.40 9.49 2.03
C TYR B 195 4.66 9.53 0.67
N ARG B 196 5.33 10.01 -0.38
CA ARG B 196 4.71 10.16 -1.69
C ARG B 196 4.54 8.83 -2.41
N GLY B 197 5.32 7.83 -2.01
CA GLY B 197 5.40 6.57 -2.70
C GLY B 197 4.51 5.47 -2.13
N VAL B 198 3.73 5.79 -1.11
CA VAL B 198 2.76 4.80 -0.62
C VAL B 198 1.37 5.08 -1.21
N SER B 199 0.45 4.17 -0.93
CA SER B 199 -0.84 4.12 -1.62
C SER B 199 -1.90 5.04 -1.01
N SER B 200 -1.66 5.54 0.20
CA SER B 200 -2.65 6.42 0.86
C SER B 200 -2.06 7.12 2.07
N GLN B 201 -2.80 8.13 2.55
CA GLN B 201 -2.44 8.81 3.78
C GLN B 201 -2.44 7.85 4.97
N GLU B 202 -3.42 6.95 5.02
CA GLU B 202 -3.51 6.07 6.17
C GLU B 202 -2.31 5.13 6.19
N THR B 203 -1.99 4.57 5.02
CA THR B 203 -0.83 3.71 4.88
C THR B 203 0.47 4.43 5.24
N ALA B 204 0.60 5.69 4.82
CA ALA B 204 1.76 6.47 5.19
C ALA B 204 1.97 6.51 6.70
N GLY B 205 0.92 6.82 7.46
CA GLY B 205 1.02 6.86 8.92
C GLY B 205 1.39 5.53 9.53
N ILE B 206 0.72 4.46 9.10
CA ILE B 206 0.98 3.14 9.65
C ILE B 206 2.40 2.67 9.34
N GLY B 207 2.79 2.80 8.08
CA GLY B 207 4.08 2.34 7.62
C GLY B 207 5.20 3.17 8.25
N ALA B 208 5.04 4.48 8.30
CA ALA B 208 6.08 5.31 8.92
C ALA B 208 6.24 4.94 10.38
N SER B 209 5.13 4.63 11.06
CA SER B 209 5.23 4.34 12.48
C SER B 209 5.96 3.02 12.67
N ALA B 210 5.74 2.07 11.76
CA ALA B 210 6.43 0.78 11.84
C ALA B 210 7.94 0.94 11.63
N HIS B 211 8.34 1.83 10.73
CA HIS B 211 9.77 2.08 10.56
C HIS B 211 10.39 2.69 11.83
N LEU B 212 9.63 3.52 12.52
CA LEU B 212 10.13 4.18 13.73
C LEU B 212 10.25 3.25 14.92
N VAL B 213 9.73 2.03 14.80
CA VAL B 213 10.04 1.01 15.78
C VAL B 213 11.56 0.78 15.85
N ASN B 214 12.23 0.97 14.71
CA ASN B 214 13.65 0.66 14.59
C ASN B 214 14.59 1.87 14.49
N PHE B 215 14.10 2.94 13.89
CA PHE B 215 14.90 4.11 13.58
C PHE B 215 14.23 5.39 14.10
N LYS B 216 14.97 6.49 14.07
CA LYS B 216 14.44 7.76 14.58
C LYS B 216 14.38 8.83 13.49
N GLY B 217 14.72 8.46 12.26
CA GLY B 217 14.70 9.39 11.15
C GLY B 217 13.53 9.17 10.20
N THR B 218 12.70 10.20 10.03
CA THR B 218 11.58 10.10 9.11
C THR B 218 11.19 11.46 8.53
N ASP B 219 10.76 11.45 7.27
CA ASP B 219 10.14 12.62 6.65
C ASP B 219 8.65 12.40 6.48
N THR B 220 8.19 11.20 6.84
CA THR B 220 6.77 10.89 6.68
C THR B 220 6.05 11.33 7.95
N VAL B 221 5.64 12.59 7.95
CA VAL B 221 5.15 13.24 9.17
C VAL B 221 3.90 12.55 9.75
N ALA B 222 3.12 11.89 8.89
CA ALA B 222 1.91 11.18 9.31
C ALA B 222 2.17 10.17 10.43
N GLY B 223 3.37 9.61 10.44
CA GLY B 223 3.74 8.63 11.46
C GLY B 223 3.79 9.20 12.87
N LEU B 224 4.17 10.46 12.99
CA LEU B 224 4.28 11.07 14.29
C LEU B 224 2.92 11.14 14.97
N ALA B 225 1.91 11.54 14.20
CA ALA B 225 0.58 11.73 14.73
C ALA B 225 -0.02 10.40 15.16
N LEU B 226 0.21 9.37 14.36
CA LEU B 226 -0.29 8.04 14.69
C LEU B 226 0.29 7.58 16.03
N ILE B 227 1.61 7.69 16.16
CA ILE B 227 2.27 7.22 17.37
C ILE B 227 1.78 7.97 18.61
N LYS B 228 1.63 9.29 18.47
CA LYS B 228 1.19 10.12 19.59
C LYS B 228 -0.21 9.70 20.06
N LYS B 229 -1.09 9.41 19.11
CA LYS B 229 -2.49 9.07 19.40
C LYS B 229 -2.69 7.66 19.94
N TYR B 230 -1.96 6.69 19.40
CA TYR B 230 -2.24 5.28 19.71
C TYR B 230 -1.23 4.56 20.57
N TYR B 231 -0.02 5.10 20.69
CA TYR B 231 1.06 4.43 21.41
C TYR B 231 1.70 5.31 22.47
N GLY B 232 2.21 6.47 22.06
CA GLY B 232 2.81 7.41 22.99
C GLY B 232 4.28 7.18 23.28
N THR B 233 5.01 8.28 23.48
CA THR B 233 6.43 8.24 23.80
C THR B 233 6.72 9.27 24.88
N LYS B 234 7.77 9.06 25.66
CA LYS B 234 8.16 10.04 26.67
C LYS B 234 8.67 11.32 26.01
N ASP B 235 9.49 11.15 24.97
CA ASP B 235 9.95 12.26 24.15
C ASP B 235 8.77 12.97 23.48
N PRO B 236 8.92 14.27 23.20
CA PRO B 236 7.92 15.02 22.42
C PRO B 236 7.54 14.35 21.10
N VAL B 237 8.53 13.90 20.34
CA VAL B 237 8.25 13.17 19.09
C VAL B 237 9.12 11.92 18.92
N PRO B 238 8.64 10.94 18.13
CA PRO B 238 9.40 9.70 17.97
C PRO B 238 10.46 9.75 16.86
N GLY B 239 10.39 10.76 16.01
CA GLY B 239 11.29 10.86 14.87
C GLY B 239 11.61 12.27 14.45
N TYR B 240 12.71 12.41 13.71
CA TYR B 240 13.33 13.70 13.48
C TYR B 240 13.73 13.87 12.01
N SER B 241 13.90 15.12 11.59
CA SER B 241 14.47 15.37 10.27
C SER B 241 15.34 16.62 10.31
N VAL B 242 15.89 16.97 9.15
CA VAL B 242 16.75 18.16 9.00
C VAL B 242 16.34 18.91 7.74
N PRO B 243 16.67 20.20 7.67
CA PRO B 243 16.44 20.98 6.44
C PRO B 243 17.16 20.35 5.25
N ALA B 244 16.53 20.45 4.08
CA ALA B 244 17.12 19.83 2.90
C ALA B 244 16.48 20.40 1.65
N ALA B 245 17.24 20.43 0.55
CA ALA B 245 16.74 20.90 -0.73
C ALA B 245 16.01 19.79 -1.47
N GLU B 246 15.15 20.16 -2.42
CA GLU B 246 14.66 19.20 -3.39
C GLU B 246 15.13 19.70 -4.74
N HIS B 247 14.91 18.92 -5.80
CA HIS B 247 15.38 19.39 -7.10
C HIS B 247 14.77 20.76 -7.45
N SER B 248 13.50 20.98 -7.12
CA SER B 248 12.86 22.23 -7.51
C SER B 248 13.51 23.47 -6.89
N THR B 249 14.04 23.37 -5.68
CA THR B 249 14.65 24.55 -5.08
C THR B 249 16.06 24.80 -5.64
N ILE B 250 16.62 23.83 -6.36
CA ILE B 250 17.85 24.05 -7.12
C ILE B 250 17.53 24.54 -8.55
N THR B 251 16.64 23.82 -9.23
CA THR B 251 16.40 24.07 -10.64
C THR B 251 15.69 25.39 -10.88
N ALA B 252 14.95 25.87 -9.87
CA ALA B 252 14.23 27.13 -10.00
C ALA B 252 15.17 28.31 -10.25
N TRP B 253 16.43 28.15 -9.85
CA TRP B 253 17.41 29.22 -10.04
C TRP B 253 17.88 29.31 -11.49
N GLY B 254 17.55 28.31 -12.30
CA GLY B 254 17.96 28.26 -13.69
C GLY B 254 19.24 27.47 -13.86
N LYS B 255 19.40 26.87 -15.04
CA LYS B 255 20.48 25.92 -15.26
C LYS B 255 21.88 26.50 -15.08
N ASP B 256 22.03 27.80 -15.29
CA ASP B 256 23.34 28.43 -15.20
C ASP B 256 23.67 28.96 -13.80
N HIS B 257 22.76 28.72 -12.86
CA HIS B 257 22.92 29.27 -11.52
C HIS B 257 22.84 28.21 -10.41
N GLU B 258 23.24 26.98 -10.72
CA GLU B 258 23.27 25.93 -9.71
C GLU B 258 24.18 26.30 -8.51
N LYS B 259 25.30 26.96 -8.79
CA LYS B 259 26.18 27.41 -7.71
C LYS B 259 25.51 28.46 -6.82
N ASP B 260 24.74 29.35 -7.44
CA ASP B 260 24.03 30.37 -6.67
C ASP B 260 23.02 29.76 -5.74
N ALA B 261 22.34 28.73 -6.23
CA ALA B 261 21.35 28.01 -5.43
C ALA B 261 22.05 27.37 -4.23
N PHE B 262 23.12 26.63 -4.49
CA PHE B 262 23.87 25.95 -3.43
C PHE B 262 24.29 26.95 -2.36
N GLU B 263 24.88 28.07 -2.79
CA GLU B 263 25.39 29.06 -1.84
C GLU B 263 24.26 29.65 -0.99
N HIS B 264 23.14 29.94 -1.63
CA HIS B 264 22.00 30.49 -0.92
C HIS B 264 21.51 29.52 0.16
N ILE B 265 21.39 28.27 -0.20
CA ILE B 265 20.79 27.29 0.69
C ILE B 265 21.69 26.98 1.90
N VAL B 266 22.99 26.80 1.69
CA VAL B 266 23.85 26.52 2.82
C VAL B 266 24.06 27.75 3.69
N THR B 267 23.89 28.94 3.11
CA THR B 267 23.98 30.19 3.88
C THR B 267 22.71 30.40 4.72
N GLN B 268 21.54 30.08 4.15
CA GLN B 268 20.28 30.10 4.90
C GLN B 268 20.30 29.11 6.07
N PHE B 269 20.94 27.97 5.87
CA PHE B 269 21.01 26.95 6.92
C PHE B 269 22.46 26.73 7.35
N SER B 270 23.09 27.79 7.84
CA SER B 270 24.53 27.75 8.08
C SER B 270 24.92 27.10 9.42
N SER B 271 23.95 26.97 10.33
CA SER B 271 24.24 26.50 11.68
C SER B 271 23.46 25.25 12.07
N VAL B 272 22.76 24.66 11.11
CA VAL B 272 22.10 23.37 11.33
C VAL B 272 22.49 22.43 10.19
N PRO B 273 22.29 21.11 10.36
CA PRO B 273 22.63 20.24 9.24
C PRO B 273 21.75 20.57 8.04
N VAL B 274 22.28 20.39 6.83
CA VAL B 274 21.47 20.65 5.66
C VAL B 274 21.87 19.69 4.57
N SER B 275 20.87 19.11 3.88
CA SER B 275 21.17 18.23 2.77
C SER B 275 20.87 18.95 1.48
N VAL B 276 21.75 18.80 0.50
CA VAL B 276 21.54 19.48 -0.77
C VAL B 276 21.67 18.48 -1.90
N VAL B 277 20.59 18.30 -2.64
CA VAL B 277 20.61 17.37 -3.75
C VAL B 277 21.48 17.99 -4.84
N SER B 278 22.41 17.19 -5.37
CA SER B 278 23.48 17.75 -6.17
C SER B 278 23.56 17.19 -7.58
N ASP B 279 22.52 16.46 -8.01
CA ASP B 279 22.61 15.77 -9.28
C ASP B 279 21.65 16.31 -10.34
N SER B 280 21.12 17.52 -10.13
CA SER B 280 20.18 18.12 -11.10
C SER B 280 20.69 18.14 -12.53
N TYR B 281 21.99 18.39 -12.69
CA TYR B 281 22.58 18.47 -14.02
C TYR B 281 23.80 17.55 -14.19
N ASP B 282 24.73 17.63 -13.23
CA ASP B 282 25.96 16.84 -13.31
C ASP B 282 26.53 16.66 -11.91
N ILE B 283 26.21 15.52 -11.30
CA ILE B 283 26.61 15.26 -9.90
C ILE B 283 28.12 15.33 -9.73
N TYR B 284 28.86 14.83 -10.71
CA TYR B 284 30.32 14.78 -10.57
C TYR B 284 30.92 16.17 -10.61
N ASN B 285 30.38 17.02 -11.49
CA ASN B 285 30.77 18.42 -11.55
C ASN B 285 30.38 19.19 -10.30
N ALA B 286 29.20 18.90 -9.78
CA ALA B 286 28.74 19.56 -8.56
C ALA B 286 29.69 19.25 -7.42
N CYS B 287 30.07 17.98 -7.29
CA CYS B 287 30.95 17.60 -6.18
C CYS B 287 32.36 18.14 -6.36
N GLU B 288 32.92 18.00 -7.56
CA GLU B 288 34.32 18.35 -7.73
C GLU B 288 34.57 19.85 -7.89
N LYS B 289 33.73 20.51 -8.69
CA LYS B 289 33.96 21.92 -9.02
C LYS B 289 33.18 22.90 -8.16
N ILE B 290 31.92 22.60 -7.87
CA ILE B 290 31.10 23.55 -7.12
C ILE B 290 31.36 23.40 -5.62
N TRP B 291 31.00 22.26 -5.05
CA TRP B 291 31.32 22.02 -3.64
C TRP B 291 32.82 21.98 -3.38
N GLY B 292 33.55 21.32 -4.29
CA GLY B 292 34.96 21.03 -4.09
C GLY B 292 35.92 22.20 -4.32
N GLU B 293 35.47 23.23 -5.03
CA GLU B 293 36.32 24.38 -5.32
C GLU B 293 35.60 25.69 -5.03
N ASP B 294 34.57 25.99 -5.83
CA ASP B 294 33.88 27.28 -5.79
C ASP B 294 33.30 27.63 -4.41
N LEU B 295 32.65 26.66 -3.78
CA LEU B 295 32.02 26.91 -2.49
C LEU B 295 32.71 26.18 -1.34
N ARG B 296 33.91 25.66 -1.60
CA ARG B 296 34.63 24.90 -0.57
C ARG B 296 34.76 25.68 0.74
N HIS B 297 34.98 26.99 0.65
CA HIS B 297 35.18 27.83 1.82
C HIS B 297 33.93 27.88 2.72
N LEU B 298 32.76 27.67 2.12
CA LEU B 298 31.51 27.65 2.88
C LEU B 298 31.27 26.31 3.57
N ILE B 299 31.97 25.28 3.12
CA ILE B 299 31.80 23.96 3.69
C ILE B 299 32.76 23.72 4.86
N VAL B 300 34.03 24.04 4.66
CA VAL B 300 35.04 23.69 5.64
C VAL B 300 34.95 24.57 6.90
N SER B 301 34.10 25.58 6.82
CA SER B 301 33.86 26.48 7.95
C SER B 301 32.69 26.03 8.83
N ARG B 302 31.98 24.97 8.44
CA ARG B 302 30.81 24.52 9.18
C ARG B 302 31.14 23.69 10.41
N SER B 303 30.20 23.67 11.34
CA SER B 303 30.32 22.92 12.59
C SER B 303 30.03 21.44 12.43
N THR B 304 30.65 20.63 13.29
CA THR B 304 30.44 19.18 13.34
C THR B 304 28.97 18.83 13.57
N GLN B 305 28.26 19.74 14.25
CA GLN B 305 26.85 19.54 14.50
C GLN B 305 25.99 20.06 13.35
N ALA B 306 26.63 20.71 12.36
CA ALA B 306 25.90 21.27 11.21
C ALA B 306 26.56 20.94 9.88
N PRO B 307 26.70 19.65 9.57
CA PRO B 307 27.38 19.28 8.33
C PRO B 307 26.55 19.61 7.09
N LEU B 308 27.24 19.75 5.98
CA LEU B 308 26.59 19.65 4.67
C LEU B 308 26.44 18.18 4.33
N ILE B 309 25.24 17.78 3.94
CA ILE B 309 25.06 16.42 3.50
C ILE B 309 24.79 16.44 2.00
N ILE B 310 25.68 15.85 1.22
CA ILE B 310 25.54 15.86 -0.24
C ILE B 310 24.64 14.70 -0.66
N ARG B 311 23.66 14.97 -1.52
CA ARG B 311 22.72 13.93 -1.93
C ARG B 311 22.76 13.67 -3.42
N PRO B 312 23.43 12.59 -3.82
CA PRO B 312 23.29 12.15 -5.21
C PRO B 312 21.91 11.50 -5.34
N ASP B 313 21.35 11.40 -6.54
CA ASP B 313 19.98 10.88 -6.64
C ASP B 313 19.73 10.18 -7.97
N SER B 314 20.79 9.81 -8.67
CA SER B 314 20.63 9.14 -9.95
C SER B 314 21.86 8.31 -10.31
N GLY B 315 21.71 7.42 -11.29
CA GLY B 315 22.78 6.52 -11.67
C GLY B 315 22.78 5.25 -10.84
N ASN B 316 23.67 4.31 -11.16
CA ASN B 316 23.80 3.12 -10.35
C ASN B 316 24.15 3.53 -8.92
N PRO B 317 23.33 3.12 -7.94
CA PRO B 317 23.52 3.54 -6.55
C PRO B 317 24.92 3.28 -6.01
N LEU B 318 25.45 2.06 -6.08
CA LEU B 318 26.79 1.80 -5.58
C LEU B 318 27.86 2.59 -6.36
N ASP B 319 27.85 2.50 -7.68
CA ASP B 319 28.88 3.20 -8.47
C ASP B 319 28.86 4.69 -8.20
N THR B 320 27.66 5.24 -8.02
CA THR B 320 27.56 6.69 -7.84
C THR B 320 28.06 7.08 -6.45
N VAL B 321 27.68 6.30 -5.44
CA VAL B 321 28.18 6.55 -4.08
C VAL B 321 29.71 6.47 -4.03
N LEU B 322 30.27 5.44 -4.63
CA LEU B 322 31.72 5.30 -4.64
C LEU B 322 32.42 6.45 -5.37
N LYS B 323 31.87 6.88 -6.48
CA LYS B 323 32.49 7.97 -7.24
C LYS B 323 32.41 9.31 -6.48
N VAL B 324 31.26 9.59 -5.88
CA VAL B 324 31.09 10.80 -5.11
C VAL B 324 32.09 10.83 -3.94
N LEU B 325 32.21 9.72 -3.21
CA LEU B 325 33.18 9.64 -2.11
C LEU B 325 34.62 9.85 -2.63
N GLU B 326 34.92 9.22 -3.77
CA GLU B 326 36.24 9.35 -4.39
C GLU B 326 36.55 10.81 -4.72
N ILE B 327 35.57 11.49 -5.30
CA ILE B 327 35.71 12.91 -5.63
C ILE B 327 35.93 13.76 -4.37
N LEU B 328 35.05 13.56 -3.39
CA LEU B 328 35.09 14.38 -2.17
C LEU B 328 36.38 14.13 -1.42
N GLY B 329 36.84 12.88 -1.47
CA GLY B 329 38.05 12.48 -0.77
C GLY B 329 39.30 13.15 -1.30
N LYS B 330 39.24 13.62 -2.55
CA LYS B 330 40.39 14.30 -3.12
C LYS B 330 40.30 15.81 -2.95
N LYS B 331 39.12 16.31 -2.62
CA LYS B 331 38.94 17.75 -2.42
C LYS B 331 38.90 18.17 -0.96
N PHE B 332 38.64 17.21 -0.07
CA PHE B 332 38.50 17.49 1.35
C PHE B 332 39.45 16.63 2.17
N PRO B 333 39.82 17.09 3.37
CA PRO B 333 40.79 16.33 4.17
C PRO B 333 40.19 15.06 4.77
N VAL B 334 40.61 13.92 4.26
CA VAL B 334 40.10 12.64 4.76
C VAL B 334 41.03 12.10 5.83
N THR B 335 40.45 11.54 6.88
CA THR B 335 41.21 10.91 7.95
C THR B 335 41.02 9.38 7.88
N GLU B 336 41.84 8.65 8.62
CA GLU B 336 41.65 7.21 8.71
C GLU B 336 41.30 6.89 10.15
N ASN B 337 40.15 6.24 10.37
CA ASN B 337 39.72 6.01 11.73
C ASN B 337 40.49 4.85 12.36
N SER B 338 40.14 4.50 13.59
CA SER B 338 40.92 3.50 14.32
C SER B 338 40.80 2.09 13.73
N LYS B 339 39.85 1.88 12.83
CA LYS B 339 39.65 0.56 12.23
C LYS B 339 40.30 0.45 10.87
N GLY B 340 40.87 1.56 10.42
CA GLY B 340 41.58 1.57 9.15
C GLY B 340 40.72 2.04 7.99
N TYR B 341 39.53 2.56 8.28
CA TYR B 341 38.64 3.03 7.22
C TYR B 341 38.65 4.55 7.06
N LYS B 342 38.42 4.98 5.82
CA LYS B 342 38.47 6.40 5.47
C LYS B 342 37.25 7.14 5.97
N LEU B 343 37.46 8.35 6.49
CA LEU B 343 36.38 9.15 7.03
C LEU B 343 36.45 10.58 6.50
N LEU B 344 35.34 11.06 5.95
CA LEU B 344 35.21 12.44 5.54
C LEU B 344 35.32 13.33 6.77
N PRO B 345 35.68 14.61 6.57
CA PRO B 345 35.70 15.50 7.74
C PRO B 345 34.29 15.66 8.31
N PRO B 346 34.17 16.06 9.58
CA PRO B 346 32.87 16.00 10.26
C PRO B 346 31.83 16.97 9.71
N TYR B 347 32.25 17.95 8.92
CA TYR B 347 31.30 18.91 8.35
C TYR B 347 30.74 18.45 7.01
N LEU B 348 31.06 17.23 6.59
CA LEU B 348 30.64 16.74 5.29
C LEU B 348 30.21 15.28 5.35
N ARG B 349 29.00 15.00 4.86
CA ARG B 349 28.46 13.64 4.82
C ARG B 349 27.69 13.43 3.52
N VAL B 350 27.24 12.20 3.28
CA VAL B 350 26.50 11.87 2.06
C VAL B 350 25.22 11.12 2.44
N ILE B 351 24.17 11.30 1.64
CA ILE B 351 23.00 10.43 1.75
C ILE B 351 22.59 9.90 0.39
N GLN B 352 22.42 8.59 0.32
CA GLN B 352 21.92 7.95 -0.89
C GLN B 352 20.45 7.68 -0.66
N GLY B 353 19.60 8.35 -1.44
CA GLY B 353 18.16 8.29 -1.25
C GLY B 353 17.41 7.90 -2.51
N ASP B 354 18.12 7.24 -3.43
CA ASP B 354 17.52 6.77 -4.67
C ASP B 354 17.77 5.27 -4.81
N GLY B 355 16.71 4.51 -5.12
CA GLY B 355 16.84 3.09 -5.39
C GLY B 355 17.24 2.24 -4.21
N VAL B 356 16.99 2.72 -3.00
CA VAL B 356 17.38 1.96 -1.82
C VAL B 356 16.30 1.00 -1.36
N ASP B 357 16.64 -0.28 -1.35
CA ASP B 357 15.84 -1.29 -0.66
C ASP B 357 16.81 -2.19 0.08
N ILE B 358 16.32 -3.24 0.74
CA ILE B 358 17.21 -4.04 1.57
C ILE B 358 18.34 -4.68 0.74
N ASN B 359 18.07 -5.04 -0.51
CA ASN B 359 19.12 -5.59 -1.36
C ASN B 359 20.18 -4.57 -1.77
N THR B 360 19.75 -3.41 -2.22
CA THR B 360 20.71 -2.42 -2.68
C THR B 360 21.47 -1.80 -1.50
N LEU B 361 20.81 -1.71 -0.36
CA LEU B 361 21.47 -1.29 0.88
C LEU B 361 22.68 -2.18 1.18
N GLN B 362 22.47 -3.49 1.13
CA GLN B 362 23.53 -4.47 1.35
C GLN B 362 24.66 -4.30 0.34
N GLU B 363 24.30 -4.12 -0.93
CA GLU B 363 25.30 -3.95 -1.98
C GLU B 363 26.16 -2.71 -1.74
N ILE B 364 25.53 -1.62 -1.31
CA ILE B 364 26.28 -0.37 -1.16
C ILE B 364 27.22 -0.43 0.04
N VAL B 365 26.76 -0.95 1.18
CA VAL B 365 27.64 -0.94 2.35
C VAL B 365 28.81 -1.93 2.13
N GLU B 366 28.54 -3.03 1.46
CA GLU B 366 29.61 -3.97 1.14
C GLU B 366 30.62 -3.34 0.18
N GLY B 367 30.12 -2.61 -0.82
CA GLY B 367 30.99 -1.97 -1.79
C GLY B 367 31.85 -0.91 -1.13
N MET B 368 31.26 -0.13 -0.24
CA MET B 368 32.02 0.87 0.51
C MET B 368 33.11 0.20 1.36
N LYS B 369 32.75 -0.87 2.05
CA LYS B 369 33.71 -1.58 2.88
C LYS B 369 34.89 -2.08 2.07
N GLN B 370 34.61 -2.61 0.88
CA GLN B 370 35.70 -3.09 0.02
C GLN B 370 36.61 -1.96 -0.45
N LYS B 371 36.05 -0.76 -0.56
CA LYS B 371 36.86 0.38 -0.99
C LYS B 371 37.42 1.16 0.22
N MET B 372 37.29 0.58 1.41
CA MET B 372 37.84 1.10 2.67
C MET B 372 37.22 2.44 3.09
N TRP B 373 35.94 2.62 2.78
CA TRP B 373 35.19 3.77 3.27
C TRP B 373 34.33 3.37 4.48
N SER B 374 34.40 4.17 5.55
CA SER B 374 33.56 3.90 6.71
C SER B 374 32.07 4.13 6.46
N ILE B 375 31.21 3.32 7.07
CA ILE B 375 29.77 3.52 6.96
C ILE B 375 29.35 4.77 7.74
N GLU B 376 30.26 5.30 8.56
CA GLU B 376 30.04 6.59 9.22
C GLU B 376 29.77 7.71 8.20
N ASN B 377 30.29 7.54 6.99
CA ASN B 377 30.21 8.60 5.98
C ASN B 377 28.83 8.79 5.39
N ILE B 378 27.96 7.78 5.54
CA ILE B 378 26.76 7.73 4.72
C ILE B 378 25.50 7.48 5.54
N ALA B 379 24.38 8.00 5.04
CA ALA B 379 23.08 7.58 5.52
C ALA B 379 22.25 7.23 4.28
N PHE B 380 21.14 6.54 4.50
CA PHE B 380 20.30 6.08 3.41
C PHE B 380 18.88 6.60 3.59
N GLY B 381 18.28 7.01 2.48
CA GLY B 381 16.86 7.35 2.46
C GLY B 381 16.16 6.29 1.63
N SER B 382 15.01 5.82 2.08
CA SER B 382 14.32 4.76 1.35
C SER B 382 12.86 5.10 1.35
N GLY B 383 12.25 5.02 0.18
CA GLY B 383 10.86 5.42 0.03
C GLY B 383 9.98 4.21 -0.24
N GLY B 384 9.65 4.00 -1.52
CA GLY B 384 8.88 2.83 -1.93
C GLY B 384 9.46 1.51 -1.44
N GLY B 385 10.78 1.40 -1.40
CA GLY B 385 11.42 0.18 -0.95
C GLY B 385 11.16 -0.14 0.51
N LEU B 386 10.96 0.92 1.30
CA LEU B 386 10.75 0.78 2.75
C LEU B 386 9.28 0.53 3.10
N LEU B 387 8.40 1.21 2.40
CA LEU B 387 6.98 1.28 2.78
C LEU B 387 5.97 0.72 1.77
N GLN B 388 6.35 0.52 0.52
CA GLN B 388 5.36 0.14 -0.48
C GLN B 388 5.65 -1.19 -1.18
N LYS B 389 6.92 -1.49 -1.41
CA LYS B 389 7.30 -2.69 -2.15
C LYS B 389 7.31 -3.90 -1.22
N LEU B 390 6.16 -4.17 -0.61
CA LEU B 390 5.97 -5.23 0.35
C LEU B 390 4.61 -5.83 0.13
N THR B 391 4.47 -7.15 0.30
CA THR B 391 3.17 -7.79 0.21
C THR B 391 3.02 -8.79 1.34
N ARG B 392 1.78 -9.26 1.51
CA ARG B 392 1.46 -10.24 2.54
C ARG B 392 2.20 -11.56 2.33
N ASP B 393 2.67 -11.79 1.12
CA ASP B 393 3.40 -13.03 0.82
C ASP B 393 4.81 -13.06 1.37
N LEU B 394 5.36 -11.92 1.78
CA LEU B 394 6.75 -11.88 2.19
C LEU B 394 6.93 -12.71 3.46
N LEU B 395 6.04 -12.50 4.45
CA LEU B 395 6.09 -13.27 5.70
C LEU B 395 4.93 -14.26 5.82
N ASN B 396 4.11 -14.35 4.77
CA ASN B 396 2.98 -15.28 4.74
C ASN B 396 2.06 -15.10 5.94
N CYS B 397 1.70 -13.85 6.20
CA CYS B 397 0.78 -13.50 7.29
C CYS B 397 -0.62 -13.99 6.98
N SER B 398 -1.18 -14.81 7.85
CA SER B 398 -2.40 -15.54 7.54
C SER B 398 -3.27 -15.76 8.78
N PHE B 399 -4.57 -15.74 8.56
CA PHE B 399 -5.58 -15.91 9.61
C PHE B 399 -6.36 -17.18 9.31
N LYS B 400 -6.45 -18.10 10.28
CA LYS B 400 -7.07 -19.39 10.04
C LYS B 400 -7.88 -19.85 11.23
N CYS B 401 -8.95 -20.59 10.96
CA CYS B 401 -9.75 -21.16 12.03
C CYS B 401 -9.13 -22.48 12.50
N SER B 402 -8.87 -22.62 13.80
CA SER B 402 -8.28 -23.88 14.30
C SER B 402 -9.15 -24.66 15.27
N TYR B 403 -10.24 -24.08 15.75
CA TYR B 403 -11.05 -24.77 16.75
C TYR B 403 -12.49 -24.26 16.71
N VAL B 404 -13.43 -25.20 16.77
CA VAL B 404 -14.84 -24.83 16.81
C VAL B 404 -15.53 -25.69 17.85
N VAL B 405 -16.67 -25.19 18.32
CA VAL B 405 -17.52 -26.01 19.18
C VAL B 405 -18.89 -26.09 18.51
N THR B 406 -19.32 -27.31 18.24
CA THR B 406 -20.60 -27.57 17.60
C THR B 406 -21.32 -28.66 18.41
N ASN B 407 -22.59 -28.44 18.72
CA ASN B 407 -23.33 -29.35 19.60
C ASN B 407 -22.59 -29.64 20.90
N GLY B 408 -21.94 -28.60 21.44
CA GLY B 408 -21.24 -28.71 22.70
C GLY B 408 -19.92 -29.45 22.66
N LEU B 409 -19.54 -29.92 21.48
CA LEU B 409 -18.31 -30.68 21.30
C LEU B 409 -17.23 -29.86 20.61
N GLY B 410 -16.06 -29.76 21.24
CA GLY B 410 -14.94 -29.07 20.64
C GLY B 410 -14.27 -29.92 19.58
N ILE B 411 -13.96 -29.30 18.44
CA ILE B 411 -13.34 -29.98 17.31
C ILE B 411 -12.07 -29.24 16.89
N ASN B 412 -10.96 -29.95 16.74
CA ASN B 412 -9.73 -29.34 16.20
C ASN B 412 -9.78 -29.33 14.68
N VAL B 413 -9.75 -28.15 14.08
CA VAL B 413 -9.94 -28.06 12.63
C VAL B 413 -8.75 -27.34 11.97
N PHE B 414 -8.61 -27.54 10.67
CA PHE B 414 -7.40 -27.15 9.96
C PHE B 414 -7.60 -27.39 8.47
N LYS B 415 -6.79 -26.72 7.66
CA LYS B 415 -6.70 -27.08 6.25
C LYS B 415 -5.34 -27.74 6.02
N ASP B 416 -5.26 -28.57 4.99
CA ASP B 416 -4.02 -29.29 4.71
C ASP B 416 -4.00 -29.67 3.23
N PRO B 417 -3.79 -28.68 2.35
CA PRO B 417 -3.94 -28.93 0.90
C PRO B 417 -2.90 -29.92 0.37
N VAL B 418 -3.35 -30.89 -0.44
CA VAL B 418 -2.47 -31.97 -0.88
C VAL B 418 -1.27 -31.47 -1.66
N ALA B 419 -1.45 -30.40 -2.46
CA ALA B 419 -0.40 -29.93 -3.35
C ALA B 419 0.49 -28.84 -2.72
N ASP B 420 0.16 -28.39 -1.52
CA ASP B 420 1.01 -27.40 -0.88
C ASP B 420 1.02 -27.54 0.63
N PRO B 421 1.93 -28.37 1.14
CA PRO B 421 2.08 -28.54 2.59
C PRO B 421 2.48 -27.26 3.32
N ASN B 422 3.00 -26.26 2.61
CA ASN B 422 3.31 -24.97 3.22
C ASN B 422 2.06 -24.21 3.64
N LYS B 423 0.89 -24.65 3.16
CA LYS B 423 -0.36 -23.97 3.50
C LYS B 423 -1.14 -24.69 4.61
N ARG B 424 -0.57 -25.77 5.14
CA ARG B 424 -1.15 -26.48 6.27
C ARG B 424 -1.30 -25.53 7.45
N SER B 425 -2.46 -25.56 8.11
CA SER B 425 -2.66 -24.68 9.26
C SER B 425 -2.65 -25.45 10.58
N LYS B 426 -2.59 -24.73 11.70
CA LYS B 426 -2.48 -25.36 13.01
C LYS B 426 -3.83 -25.87 13.51
N LYS B 427 -3.79 -26.89 14.37
CA LYS B 427 -5.01 -27.53 14.86
C LYS B 427 -5.29 -27.19 16.31
N GLY B 428 -6.53 -26.80 16.60
CA GLY B 428 -6.99 -26.74 17.97
C GLY B 428 -6.65 -25.46 18.68
N ARG B 429 -6.86 -25.47 19.99
CA ARG B 429 -6.58 -24.31 20.81
C ARG B 429 -5.08 -24.12 20.94
N LEU B 430 -4.64 -22.87 20.77
CA LEU B 430 -3.21 -22.57 20.65
C LEU B 430 -2.68 -21.79 21.84
N SER B 431 -1.38 -21.92 22.08
CA SER B 431 -0.74 -21.11 23.11
C SER B 431 0.74 -20.98 22.83
N LEU B 432 1.34 -19.91 23.33
CA LEU B 432 2.73 -19.60 23.03
C LEU B 432 3.55 -19.77 24.30
N HIS B 433 4.66 -20.49 24.20
CA HIS B 433 5.47 -20.81 25.38
C HIS B 433 6.96 -20.62 25.15
N ARG B 434 7.71 -20.53 26.25
CA ARG B 434 9.16 -20.61 26.21
C ARG B 434 9.59 -22.06 26.35
N THR B 435 10.56 -22.46 25.54
CA THR B 435 11.15 -23.80 25.63
C THR B 435 12.18 -23.85 26.75
N PRO B 436 12.64 -25.07 27.10
CA PRO B 436 13.72 -25.13 28.10
C PRO B 436 14.98 -24.36 27.71
N ALA B 437 15.21 -24.15 26.41
CA ALA B 437 16.39 -23.44 25.96
C ALA B 437 16.10 -21.96 25.83
N GLY B 438 14.87 -21.55 26.15
CA GLY B 438 14.53 -20.15 26.10
C GLY B 438 14.03 -19.66 24.76
N ASN B 439 13.63 -20.59 23.90
CA ASN B 439 13.09 -20.20 22.60
C ASN B 439 11.59 -20.17 22.66
N PHE B 440 10.94 -19.76 21.57
CA PHE B 440 9.48 -19.80 21.51
C PHE B 440 8.98 -21.11 20.92
N VAL B 441 7.83 -21.57 21.40
CA VAL B 441 7.15 -22.71 20.81
C VAL B 441 5.64 -22.49 20.88
N THR B 442 4.94 -22.81 19.81
CA THR B 442 3.49 -22.77 19.81
C THR B 442 2.96 -24.18 20.07
N LEU B 443 2.13 -24.32 21.09
CA LEU B 443 1.49 -25.61 21.37
C LEU B 443 0.11 -25.67 20.76
N GLU B 444 -0.21 -26.78 20.10
CA GLU B 444 -1.50 -26.95 19.42
C GLU B 444 -2.38 -27.91 20.23
N GLU B 445 -3.63 -28.06 19.81
CA GLU B 445 -4.55 -29.06 20.34
C GLU B 445 -4.77 -28.92 21.85
N GLY B 446 -4.65 -27.70 22.35
CA GLY B 446 -4.89 -27.40 23.75
C GLY B 446 -3.84 -27.97 24.67
N LYS B 447 -2.70 -28.39 24.12
CA LYS B 447 -1.66 -29.02 24.91
C LYS B 447 -0.98 -28.08 25.90
N GLY B 448 -1.17 -26.78 25.71
CA GLY B 448 -0.71 -25.80 26.68
C GLY B 448 -1.34 -26.05 28.04
N ASP B 449 -2.54 -26.64 28.04
CA ASP B 449 -3.28 -26.92 29.28
C ASP B 449 -2.61 -27.97 30.17
N LEU B 450 -1.68 -28.74 29.62
CA LEU B 450 -0.97 -29.75 30.41
C LEU B 450 0.12 -29.14 31.29
N GLU B 451 0.39 -27.85 31.09
CA GLU B 451 1.33 -27.08 31.93
C GLU B 451 2.74 -27.66 31.96
N GLU B 452 3.11 -28.38 30.90
CA GLU B 452 4.46 -28.94 30.80
C GLU B 452 5.43 -27.91 30.23
N TYR B 453 4.88 -26.80 29.76
CA TYR B 453 5.68 -25.76 29.13
C TYR B 453 5.47 -24.40 29.79
N GLY B 454 5.03 -24.39 31.04
CA GLY B 454 4.80 -23.14 31.74
C GLY B 454 3.62 -22.34 31.21
N GLN B 455 3.60 -21.05 31.53
CA GLN B 455 2.44 -20.22 31.22
C GLN B 455 2.41 -19.77 29.76
N ASP B 456 1.19 -19.57 29.25
CA ASP B 456 0.94 -19.00 27.93
C ASP B 456 1.47 -17.56 27.90
N LEU B 457 2.28 -17.24 26.89
CA LEU B 457 2.86 -15.92 26.77
C LEU B 457 1.95 -14.89 26.08
N LEU B 458 0.86 -15.34 25.48
CA LEU B 458 -0.14 -14.39 24.95
C LEU B 458 -0.84 -13.67 26.09
N HIS B 459 -1.23 -12.41 25.85
CA HIS B 459 -2.00 -11.63 26.82
C HIS B 459 -3.34 -11.28 26.22
N THR B 460 -4.38 -11.23 27.05
CA THR B 460 -5.66 -10.72 26.55
C THR B 460 -5.55 -9.23 26.29
N VAL B 461 -5.73 -8.83 25.03
CA VAL B 461 -5.60 -7.42 24.65
C VAL B 461 -6.93 -6.76 24.29
N PHE B 462 -7.95 -7.57 24.04
CA PHE B 462 -9.27 -7.06 23.68
C PHE B 462 -10.34 -7.98 24.23
N LYS B 463 -11.35 -7.41 24.88
CA LYS B 463 -12.43 -8.25 25.38
C LYS B 463 -13.74 -7.48 25.45
N ASN B 464 -14.74 -7.98 24.72
CA ASN B 464 -16.08 -7.41 24.72
C ASN B 464 -16.11 -5.89 24.52
N GLY B 465 -15.33 -5.41 23.55
CA GLY B 465 -15.37 -4.01 23.17
C GLY B 465 -14.36 -3.13 23.88
N LYS B 466 -13.56 -3.72 24.76
CA LYS B 466 -12.57 -2.91 25.47
C LYS B 466 -11.15 -3.38 25.19
N VAL B 467 -10.24 -2.42 25.04
CA VAL B 467 -8.83 -2.75 24.97
C VAL B 467 -8.35 -2.96 26.40
N THR B 468 -7.81 -4.14 26.66
CA THR B 468 -7.49 -4.57 28.03
C THR B 468 -6.00 -4.59 28.32
N LYS B 469 -5.21 -4.44 27.28
CA LYS B 469 -3.76 -4.34 27.44
C LYS B 469 -3.15 -3.65 26.24
N SER B 470 -2.22 -2.76 26.52
CA SER B 470 -1.59 -1.97 25.47
C SER B 470 -0.16 -1.58 25.85
N TYR B 471 0.56 -1.03 24.89
CA TYR B 471 2.00 -0.82 25.03
C TYR B 471 2.37 0.56 24.54
N SER B 472 3.29 1.22 25.26
CA SER B 472 3.78 2.51 24.82
C SER B 472 4.76 2.27 23.69
N PHE B 473 5.01 3.30 22.89
CA PHE B 473 5.96 3.15 21.80
C PHE B 473 7.37 2.93 22.34
N ASP B 474 7.67 3.50 23.50
CA ASP B 474 8.97 3.27 24.12
C ASP B 474 9.16 1.78 24.48
N GLU B 475 8.10 1.13 24.97
CA GLU B 475 8.20 -0.28 25.33
C GLU B 475 8.38 -1.14 24.08
N ILE B 476 7.67 -0.76 23.03
CA ILE B 476 7.73 -1.49 21.77
C ILE B 476 9.14 -1.42 21.19
N ARG B 477 9.72 -0.23 21.23
CA ARG B 477 11.11 -0.05 20.80
C ARG B 477 12.06 -0.91 21.60
N LYS B 478 11.87 -0.96 22.92
CA LYS B 478 12.72 -1.80 23.76
C LYS B 478 12.59 -3.28 23.35
N ASN B 479 11.36 -3.71 23.10
CA ASN B 479 11.11 -5.10 22.73
C ASN B 479 11.77 -5.46 21.39
N ALA B 480 11.85 -4.49 20.49
CA ALA B 480 12.34 -4.74 19.13
C ALA B 480 13.85 -4.55 18.95
N GLN B 481 14.56 -4.26 20.03
CA GLN B 481 16.02 -4.04 19.94
C GLN B 481 16.77 -5.19 19.30
N LEU B 482 17.90 -4.87 18.66
CA LEU B 482 18.80 -5.90 18.16
C LEU B 482 19.57 -6.51 19.33
N ASN B 483 19.98 -7.77 19.20
CA ASN B 483 20.84 -8.37 20.22
C ASN B 483 22.10 -7.55 20.44
N ILE B 484 22.71 -7.07 19.35
CA ILE B 484 23.96 -6.31 19.42
C ILE B 484 23.76 -4.97 20.13
N GLU B 485 22.54 -4.43 20.09
CA GLU B 485 22.20 -3.24 20.85
C GLU B 485 22.03 -3.58 22.33
N LEU B 486 21.44 -4.75 22.60
CA LEU B 486 21.38 -5.30 23.95
C LEU B 486 22.79 -5.68 24.41
N GLU B 487 23.71 -5.75 23.44
CA GLU B 487 25.13 -6.04 23.64
C GLU B 487 25.36 -7.50 24.02
C4 3TQ C . -21.73 -14.53 -12.81
C6 3TQ C . -19.37 -14.24 -12.70
C7 3TQ C . -18.03 -14.77 -12.18
C8 3TQ C . -18.05 -14.69 -10.66
C10 3TQ C . -20.53 -15.12 -10.77
C13 3TQ C . -16.66 -15.16 -8.28
C15 3TQ C . -16.86 -16.04 -6.06
C17 3TQ C . -16.83 -13.67 -6.39
C21 3TQ C . -14.93 -15.16 -3.06
C24 3TQ C . -13.39 -13.54 -1.92
C26 3TQ C . -11.16 -12.73 -0.72
C1 3TQ C . -23.02 -16.68 -12.73
C2 3TQ C . -23.00 -15.22 -12.30
C3 3TQ C . -24.23 -14.53 -12.91
N5 3TQ C . -20.49 -15.08 -12.24
C9 3TQ C . -19.20 -15.59 -10.16
S11 3TQ C . -16.50 -15.37 -10.04
O12 3TQ C . -16.52 -16.78 -10.24
C14 3TQ C . -16.74 -16.24 -7.43
C16 3TQ C . -16.90 -14.77 -5.53
C18 3TQ C . -16.70 -13.88 -7.76
C19 3TQ C . -17.06 -14.55 -4.05
N20 3TQ C . -15.81 -14.21 -3.36
O22 3TQ C . -15.14 -16.34 -3.37
C23 3TQ C . -13.69 -14.79 -2.38
C25 3TQ C . -12.05 -13.63 -1.34
C27 3TQ C . -9.94 -13.21 -0.32
N28 3TQ C . -9.59 -14.48 -0.49
C29 3TQ C . -10.39 -15.35 -1.08
C30 3TQ C . -11.65 -14.97 -1.53
O31 3TQ C . -12.66 -15.62 -2.14
P PO4 D . -10.13 -18.25 2.07
O1 PO4 D . -11.39 -17.99 1.31
O2 PO4 D . -10.27 -19.43 3.01
O3 PO4 D . -8.99 -18.48 1.10
O4 PO4 D . -9.76 -17.07 2.95
P PO4 E . 10.83 11.39 -8.03
O1 PO4 E . 9.52 11.71 -8.70
O2 PO4 E . 11.17 9.94 -8.24
O3 PO4 E . 11.92 12.21 -8.67
O4 PO4 E . 10.73 11.69 -6.56
C1 EDO F . -9.73 9.66 -24.48
O1 EDO F . -9.33 9.19 -25.78
C2 EDO F . -10.45 8.55 -23.72
O2 EDO F . -9.49 7.70 -23.09
C1 EDO G . 12.57 19.62 -10.35
O1 EDO G . 11.24 19.79 -9.81
C2 EDO G . 12.64 19.91 -11.84
O2 EDO G . 12.67 21.32 -12.08
C1 EDO H . 9.20 8.43 -10.39
O1 EDO H . 10.50 9.02 -10.47
C2 EDO H . 9.31 7.06 -9.76
O2 EDO H . 10.10 6.22 -10.61
C1 EDO I . -21.46 -10.56 -9.79
O1 EDO I . -22.26 -11.53 -10.46
C2 EDO I . -20.07 -11.12 -9.48
O2 EDO I . -19.49 -11.62 -10.69
C1 EDO J . 10.95 39.70 8.50
O1 EDO J . 9.92 38.74 8.28
C2 EDO J . 10.54 40.62 9.65
O2 EDO J . 11.31 40.31 10.82
C1 EDO K . -17.53 15.61 -2.22
O1 EDO K . -17.89 14.75 -3.31
C2 EDO K . -17.01 14.77 -1.06
O2 EDO K . -16.21 15.60 -0.21
C1 EDO L . 13.06 32.49 -0.90
O1 EDO L . 14.42 32.86 -0.67
C2 EDO L . 12.45 33.50 -1.86
O2 EDO L . 11.35 32.92 -2.58
C1 EDO M . -10.83 15.19 -11.05
O1 EDO M . -9.61 15.31 -11.79
C2 EDO M . -11.88 16.19 -11.47
O2 EDO M . -12.46 16.62 -10.24
C1 EDO N . -2.43 14.29 8.34
O1 EDO N . -2.75 15.19 9.41
C2 EDO N . -0.94 14.28 8.05
O2 EDO N . -0.21 13.87 9.20
C4 3TQ O . 22.53 13.79 12.07
C6 3TQ O . 21.85 12.05 10.63
C7 3TQ O . 21.66 11.55 9.18
C8 3TQ O . 20.66 12.46 8.48
C10 3TQ O . 21.39 14.33 9.96
C13 3TQ O . 19.16 12.98 6.17
C15 3TQ O . 18.31 14.75 4.78
C17 3TQ O . 16.85 13.62 6.29
C21 3TQ O . 15.36 14.74 2.59
C24 3TQ O . 13.18 13.67 1.95
C26 3TQ O . 11.49 12.44 0.34
C1 3TQ O . 24.16 15.69 11.78
C2 3TQ O . 22.81 15.27 12.36
C3 3TQ O . 22.86 15.46 13.88
N5 3TQ O . 22.33 13.43 10.65
C9 3TQ O . 21.22 13.88 8.49
S11 3TQ O . 20.46 11.93 6.75
O12 3TQ O . 21.61 12.34 6.03
C14 3TQ O . 19.36 13.94 5.21
C16 3TQ O . 17.04 14.60 5.32
C18 3TQ O . 17.89 12.83 6.72
C19 3TQ O . 15.89 15.47 4.88
N20 3TQ O . 15.01 14.85 3.89
O22 3TQ O . 16.43 15.15 2.18
C23 3TQ O . 14.43 14.10 1.66
C25 3TQ O . 12.66 13.06 0.73
C27 3TQ O . 11.37 11.97 -0.93
N28 3TQ O . 12.35 12.10 -1.81
C29 3TQ O . 13.50 12.69 -1.50
C30 3TQ O . 13.70 13.18 -0.22
O31 3TQ O . 14.73 13.82 0.38
P PO4 P . -4.68 -16.78 2.94
O1 PO4 P . -4.95 -18.25 3.07
O2 PO4 P . -5.92 -16.00 2.57
O3 PO4 P . -3.67 -16.57 1.85
O4 PO4 P . -4.18 -16.27 4.29
P PO4 Q . 13.35 15.36 -4.80
O1 PO4 Q . 11.85 15.15 -4.76
O2 PO4 Q . 14.05 14.10 -5.24
O3 PO4 Q . 13.60 16.44 -5.82
O4 PO4 Q . 13.86 15.78 -3.44
C1 EDO R . -8.50 -23.48 8.25
O1 EDO R . -9.29 -24.15 9.22
C2 EDO R . -9.35 -22.44 7.53
O2 EDO R . -9.63 -21.31 8.39
C1 EDO S . 0.15 -15.07 2.85
O1 EDO S . 0.84 -15.68 1.75
C2 EDO S . -1.16 -15.77 3.16
O2 EDO S . -1.08 -17.20 3.14
C1 EDO T . 11.50 -11.42 22.48
O1 EDO T . 12.32 -11.96 21.44
C2 EDO T . 11.66 -9.90 22.56
O2 EDO T . 11.45 -9.33 21.27
C1 EDO U . -4.94 1.99 24.84
O1 EDO U . -4.62 1.20 23.68
C2 EDO U . -6.25 1.51 25.45
O2 EDO U . -7.36 2.04 24.72
#